data_1UO4
# 
_entry.id   1UO4 
# 
_audit_conform.dict_name       mmcif_pdbx.dic 
_audit_conform.dict_version    5.398 
_audit_conform.dict_location   http://mmcif.pdb.org/dictionaries/ascii/mmcif_pdbx.dic 
# 
loop_
_database_2.database_id 
_database_2.database_code 
_database_2.pdbx_database_accession 
_database_2.pdbx_DOI 
PDB   1UO4         pdb_00001uo4 10.2210/pdb1uo4/pdb 
PDBE  EBI-13516    ?            ?                   
WWPDB D_1290013516 ?            ?                   
# 
loop_
_pdbx_audit_revision_history.ordinal 
_pdbx_audit_revision_history.data_content_type 
_pdbx_audit_revision_history.major_revision 
_pdbx_audit_revision_history.minor_revision 
_pdbx_audit_revision_history.revision_date 
1 'Structure model' 1 0 2004-10-13 
2 'Structure model' 1 1 2011-05-08 
3 'Structure model' 1 2 2011-07-13 
4 'Structure model' 1 3 2019-05-08 
5 'Structure model' 1 4 2021-01-13 
6 'Structure model' 1 5 2024-05-08 
7 'Structure model' 1 6 2024-11-13 
# 
_pdbx_audit_revision_details.ordinal             1 
_pdbx_audit_revision_details.revision_ordinal    1 
_pdbx_audit_revision_details.data_content_type   'Structure model' 
_pdbx_audit_revision_details.provider            repository 
_pdbx_audit_revision_details.type                'Initial release' 
_pdbx_audit_revision_details.description         ? 
_pdbx_audit_revision_details.details             ? 
# 
loop_
_pdbx_audit_revision_group.ordinal 
_pdbx_audit_revision_group.revision_ordinal 
_pdbx_audit_revision_group.data_content_type 
_pdbx_audit_revision_group.group 
1  2 'Structure model' 'Version format compliance' 
2  3 'Structure model' 'Version format compliance' 
3  4 'Structure model' 'Data collection'           
4  4 'Structure model' 'Experimental preparation'  
5  4 'Structure model' Other                       
6  5 'Structure model' 'Derived calculations'      
7  5 'Structure model' 'Structure summary'         
8  6 'Structure model' 'Data collection'           
9  6 'Structure model' 'Database references'       
10 7 'Structure model' 'Structure summary'         
# 
loop_
_pdbx_audit_revision_category.ordinal 
_pdbx_audit_revision_category.revision_ordinal 
_pdbx_audit_revision_category.data_content_type 
_pdbx_audit_revision_category.category 
1  4 'Structure model' database_PDB_rev        
2  4 'Structure model' database_PDB_rev_record 
3  4 'Structure model' exptl_crystal_grow      
4  4 'Structure model' pdbx_database_proc      
5  4 'Structure model' pdbx_database_status    
6  5 'Structure model' chem_comp               
7  5 'Structure model' entity                  
8  5 'Structure model' pdbx_entity_nonpoly     
9  6 'Structure model' chem_comp_atom          
10 6 'Structure model' chem_comp_bond          
11 6 'Structure model' database_2              
12 7 'Structure model' pdbx_entry_details      
# 
loop_
_pdbx_audit_revision_item.ordinal 
_pdbx_audit_revision_item.revision_ordinal 
_pdbx_audit_revision_item.data_content_type 
_pdbx_audit_revision_item.item 
1 4 'Structure model' '_exptl_crystal_grow.method'                   
2 4 'Structure model' '_pdbx_database_status.recvd_author_approval'  
3 5 'Structure model' '_chem_comp.name'                              
4 5 'Structure model' '_entity.pdbx_description'                     
5 5 'Structure model' '_pdbx_entity_nonpoly.name'                    
6 6 'Structure model' '_database_2.pdbx_DOI'                         
7 6 'Structure model' '_database_2.pdbx_database_accession'          
8 7 'Structure model' '_pdbx_entry_details.has_protein_modification' 
# 
_pdbx_database_status.status_code                     REL 
_pdbx_database_status.entry_id                        1UO4 
_pdbx_database_status.deposit_site                    PDBE 
_pdbx_database_status.process_site                    PDBE 
_pdbx_database_status.SG_entry                        . 
_pdbx_database_status.recvd_initial_deposition_date   2003-09-15 
_pdbx_database_status.pdb_format_compatible           Y 
_pdbx_database_status.status_code_sf                  ? 
_pdbx_database_status.status_code_mr                  ? 
_pdbx_database_status.status_code_cs                  ? 
_pdbx_database_status.methods_development_category    ? 
_pdbx_database_status.status_code_nmr_data            ? 
# 
loop_
_pdbx_database_related.db_name 
_pdbx_database_related.db_id 
_pdbx_database_related.content_type 
_pdbx_database_related.details 
PDB 1GCL unspecified 'GCN4 LEUCINE ZIPPER CORE MUTANT P-LI'                                             
PDB 1GCM unspecified 'GCN4 LEUCINE ZIPPER CORE MUTANT P-LI'                                             
PDB 1UNT unspecified 'STRUCTURE BASED ENGINEERING OF INTERNAL MOLECULAR SURFACES OF FOUR HELIX BUNDLES' 
PDB 1UNV unspecified 'STRUCTURE BASED ENGINEERING OF INTERNAL MOLECULAR SURFACES OF FOUR HELIX BUNDLES' 
PDB 1UNW unspecified 'STRUCTURE BASED ENGINEERING OF INTERNAL MOLECULAR SURFACES OF FOUR HELIX BUNDLES' 
PDB 1UNX unspecified 'STRUCTURE BASED ENGINEERING OF INTERNAL MOLECULAR SURFACES OF FOUR HELIX BUNDLES' 
PDB 1UNU unspecified 'STRUCTURE BASED ENGINEERING OF INTERNAL MOLECULAR SURFACES OF FOUR HELIX BUNDLES' 
PDB 1UNY unspecified 'STRUCTURE BASED ENGINEERING OF INTERNAL MOLECULAR SURFACES OF FOUR HELIX BUNDLES' 
PDB 1UNZ unspecified 'STRUCTURE BASED ENGINEERING OF INTERNAL MOLECULAR SURFACES OF FOUR HELIX BUNDLES' 
PDB 1UO0 unspecified 'STRUCTURE BASED ENGINEERING OF INTERNAL MOLECULAR SURFACES OF FOUR HELIX BUNDLES' 
PDB 1UO1 unspecified 'STRUCTURE BASED ENGINEERING OF INTERNAL MOLECULAR SURFACES OF FOUR HELIX BUNDLES' 
PDB 1UO2 unspecified 'STRUCTURE BASED ENGINEERING OF INTERNAL MOLECULAR SURFACES OF FOUR HELIX BUNDLES' 
PDB 1UO3 unspecified 'STRUCTURE BASED ENGINEERING OF INTERNAL MOLECULAR SURFACES OF FOUR HELIX BUNDLES' 
PDB 1UO5 unspecified 'STRUCTURE BASED ENGINEERING OF INTERNAL MOLECULAR SURFACES OF FOUR HELIX BUNDLES' 
# 
loop_
_audit_author.name 
_audit_author.pdbx_ordinal 
'Yadav, M.K.'             1 
'Redman, J.E.'            2 
'Alvarez-Gutierrez, J.M.' 3 
'Zhang, Y.'               4 
'Stout, C.D.'             5 
'Ghadiri, M.R.'           6 
# 
_citation.id                        primary 
_citation.title                     'Structure-Based Engineering of Internal Cavities in Coiled-Coil Peptides' 
_citation.journal_abbrev            Biochemistry 
_citation.journal_volume            44 
_citation.page_first                9723 
_citation.page_last                 ? 
_citation.year                      2005 
_citation.journal_id_ASTM           BICHAW 
_citation.country                   US 
_citation.journal_id_ISSN           0006-2960 
_citation.journal_id_CSD            0033 
_citation.book_publisher            ? 
_citation.pdbx_database_id_PubMed   16008357 
_citation.pdbx_database_id_DOI      10.1021/BI050742A 
# 
loop_
_citation_author.citation_id 
_citation_author.name 
_citation_author.ordinal 
_citation_author.identifier_ORCID 
primary 'Yadav, M.K.'             1 ? 
primary 'Redman, J.E.'            2 ? 
primary 'Leman, L.J.'             3 ? 
primary 'Alvarez-Gutierrez, J.M.' 4 ? 
primary 'Zhang, Y.'               5 ? 
primary 'Stout, C.D.'             6 ? 
primary 'Ghadiri, M.R.'           7 ? 
# 
loop_
_entity.id 
_entity.type 
_entity.src_method 
_entity.pdbx_description 
_entity.formula_weight 
_entity.pdbx_number_of_molecules 
_entity.pdbx_ec 
_entity.pdbx_mutation 
_entity.pdbx_fragment 
_entity.details 
1 polymer     syn 'GENERAL CONTROL PROTEIN GCN4' 4016.732 2  ? YES ? 'DIMER ASYMMETRIC UNIT OF FOUR HELIX BUNDLE MUTATION LEU9GLY' 
2 non-polymer syn 'CHLORIDE ION'                 35.453   1  ? ?   ? ?                                                             
3 non-polymer syn iodobenzene                    204.008  1  ? ?   ? ?                                                             
4 water       nat water                          18.015   36 ? ?   ? ?                                                             
# 
_entity_name_com.entity_id   1 
_entity_name_com.name        'GCN4 LEUCINE ZIPPER, AMINO ACID BIOSYNTHESIS REGULATORY PROTEIN, PLI' 
# 
_entity_poly.entity_id                      1 
_entity_poly.type                           'polypeptide(L)' 
_entity_poly.nstd_linkage                   no 
_entity_poly.nstd_monomer                   yes 
_entity_poly.pdbx_seq_one_letter_code       '(ACE)RMKQIEDKGEEILSKLYHIENELARIKKLLGER' 
_entity_poly.pdbx_seq_one_letter_code_can   XRMKQIEDKGEEILSKLYHIENELARIKKLLGER 
_entity_poly.pdbx_strand_id                 A,B 
_entity_poly.pdbx_target_identifier         ? 
# 
loop_
_pdbx_entity_nonpoly.entity_id 
_pdbx_entity_nonpoly.name 
_pdbx_entity_nonpoly.comp_id 
2 'CHLORIDE ION' CL  
3 iodobenzene    PIH 
4 water          HOH 
# 
loop_
_entity_poly_seq.entity_id 
_entity_poly_seq.num 
_entity_poly_seq.mon_id 
_entity_poly_seq.hetero 
1 1  ACE n 
1 2  ARG n 
1 3  MET n 
1 4  LYS n 
1 5  GLN n 
1 6  ILE n 
1 7  GLU n 
1 8  ASP n 
1 9  LYS n 
1 10 GLY n 
1 11 GLU n 
1 12 GLU n 
1 13 ILE n 
1 14 LEU n 
1 15 SER n 
1 16 LYS n 
1 17 LEU n 
1 18 TYR n 
1 19 HIS n 
1 20 ILE n 
1 21 GLU n 
1 22 ASN n 
1 23 GLU n 
1 24 LEU n 
1 25 ALA n 
1 26 ARG n 
1 27 ILE n 
1 28 LYS n 
1 29 LYS n 
1 30 LEU n 
1 31 LEU n 
1 32 GLY n 
1 33 GLU n 
1 34 ARG n 
# 
_pdbx_entity_src_syn.entity_id              1 
_pdbx_entity_src_syn.pdbx_src_id            1 
_pdbx_entity_src_syn.pdbx_alt_source_flag   sample 
_pdbx_entity_src_syn.pdbx_beg_seq_num       ? 
_pdbx_entity_src_syn.pdbx_end_seq_num       ? 
_pdbx_entity_src_syn.organism_scientific    'SACCHAROMYCES CEREVISIAE' 
_pdbx_entity_src_syn.organism_common_name   
;BAKER'S YEAST
;
_pdbx_entity_src_syn.ncbi_taxonomy_id       4932 
_pdbx_entity_src_syn.details                
;BASED ON SEQUENCE FROM SACCHAROMYCES CEREVISIAE (BAKER'S YEAST)
;
# 
loop_
_chem_comp.id 
_chem_comp.type 
_chem_comp.mon_nstd_flag 
_chem_comp.name 
_chem_comp.pdbx_synonyms 
_chem_comp.formula 
_chem_comp.formula_weight 
ACE non-polymer         . 'ACETYL GROUP'  ? 'C2 H4 O'        44.053  
ALA 'L-peptide linking' y ALANINE         ? 'C3 H7 N O2'     89.093  
ARG 'L-peptide linking' y ARGININE        ? 'C6 H15 N4 O2 1' 175.209 
ASN 'L-peptide linking' y ASPARAGINE      ? 'C4 H8 N2 O3'    132.118 
ASP 'L-peptide linking' y 'ASPARTIC ACID' ? 'C4 H7 N O4'     133.103 
CL  non-polymer         . 'CHLORIDE ION'  ? 'Cl -1'          35.453  
GLN 'L-peptide linking' y GLUTAMINE       ? 'C5 H10 N2 O3'   146.144 
GLU 'L-peptide linking' y 'GLUTAMIC ACID' ? 'C5 H9 N O4'     147.129 
GLY 'peptide linking'   y GLYCINE         ? 'C2 H5 N O2'     75.067  
HIS 'L-peptide linking' y HISTIDINE       ? 'C6 H10 N3 O2 1' 156.162 
HOH non-polymer         . WATER           ? 'H2 O'           18.015  
ILE 'L-peptide linking' y ISOLEUCINE      ? 'C6 H13 N O2'    131.173 
LEU 'L-peptide linking' y LEUCINE         ? 'C6 H13 N O2'    131.173 
LYS 'L-peptide linking' y LYSINE          ? 'C6 H15 N2 O2 1' 147.195 
MET 'L-peptide linking' y METHIONINE      ? 'C5 H11 N O2 S'  149.211 
PIH non-polymer         . iodobenzene     ? 'C6 H5 I'        204.008 
SER 'L-peptide linking' y SERINE          ? 'C3 H7 N O3'     105.093 
TYR 'L-peptide linking' y TYROSINE        ? 'C9 H11 N O3'    181.189 
VAL 'L-peptide linking' y VALINE          ? 'C5 H11 N O2'    117.146 
# 
loop_
_pdbx_poly_seq_scheme.asym_id 
_pdbx_poly_seq_scheme.entity_id 
_pdbx_poly_seq_scheme.seq_id 
_pdbx_poly_seq_scheme.mon_id 
_pdbx_poly_seq_scheme.ndb_seq_num 
_pdbx_poly_seq_scheme.pdb_seq_num 
_pdbx_poly_seq_scheme.auth_seq_num 
_pdbx_poly_seq_scheme.pdb_mon_id 
_pdbx_poly_seq_scheme.auth_mon_id 
_pdbx_poly_seq_scheme.pdb_strand_id 
_pdbx_poly_seq_scheme.pdb_ins_code 
_pdbx_poly_seq_scheme.hetero 
A 1 1  ACE 1  -1 ?  ?   ?   A . n 
A 1 2  ARG 2  1  ?  ?   ?   A . n 
A 1 3  MET 3  2  2  MET MET A . n 
A 1 4  LYS 4  3  3  LYS LYS A . n 
A 1 5  GLN 5  4  4  GLN GLN A . n 
A 1 6  ILE 6  5  5  ILE ILE A . n 
A 1 7  GLU 7  6  6  GLU GLU A . n 
A 1 8  ASP 8  7  7  ASP ASP A . n 
A 1 9  LYS 9  8  8  LYS LYS A . n 
A 1 10 GLY 10 9  9  GLY GLY A . n 
A 1 11 GLU 11 10 10 GLU GLU A . n 
A 1 12 GLU 12 11 11 GLU GLU A . n 
A 1 13 ILE 13 12 12 ILE ILE A . n 
A 1 14 LEU 14 13 13 LEU LEU A . n 
A 1 15 SER 15 14 14 SER SER A . n 
A 1 16 LYS 16 15 15 LYS LYS A . n 
A 1 17 LEU 17 16 16 LEU LEU A . n 
A 1 18 TYR 18 17 17 TYR TYR A . n 
A 1 19 HIS 19 18 18 HIS HIS A . n 
A 1 20 ILE 20 19 19 ILE ILE A . n 
A 1 21 GLU 21 20 20 GLU GLU A . n 
A 1 22 ASN 22 21 21 ASN ASN A . n 
A 1 23 GLU 23 22 22 GLU GLU A . n 
A 1 24 LEU 24 23 23 LEU LEU A . n 
A 1 25 ALA 25 24 24 ALA ALA A . n 
A 1 26 ARG 26 25 25 ARG ARG A . n 
A 1 27 ILE 27 26 26 ILE ILE A . n 
A 1 28 LYS 28 27 27 LYS LYS A . n 
A 1 29 LYS 29 28 28 LYS LYS A . n 
A 1 30 LEU 30 29 29 LEU LEU A . n 
A 1 31 LEU 31 30 30 LEU LEU A . n 
A 1 32 GLY 32 31 31 GLY GLY A . n 
A 1 33 GLU 33 32 32 GLU GLU A . n 
A 1 34 ARG 34 33 ?  ?   ?   A . n 
B 1 1  ACE 1  -1 ?  ?   ?   B . n 
B 1 2  ARG 2  1  ?  ?   ?   B . n 
B 1 3  MET 3  2  2  MET MET B . n 
B 1 4  LYS 4  3  3  LYS LYS B . n 
B 1 5  GLN 5  4  4  GLN GLN B . n 
B 1 6  ILE 6  5  5  ILE ILE B . n 
B 1 7  GLU 7  6  6  GLU GLU B . n 
B 1 8  ASP 8  7  7  ASP ASP B . n 
B 1 9  LYS 9  8  8  LYS LYS B . n 
B 1 10 GLY 10 9  9  GLY GLY B . n 
B 1 11 GLU 11 10 10 GLU GLU B . n 
B 1 12 GLU 12 11 11 GLU GLU B . n 
B 1 13 ILE 13 12 12 ILE ILE B . n 
B 1 14 LEU 14 13 13 LEU LEU B . n 
B 1 15 SER 15 14 14 SER SER B . n 
B 1 16 LYS 16 15 15 LYS LYS B . n 
B 1 17 LEU 17 16 16 LEU LEU B . n 
B 1 18 TYR 18 17 17 TYR TYR B . n 
B 1 19 HIS 19 18 18 HIS HIS B . n 
B 1 20 ILE 20 19 19 ILE ILE B . n 
B 1 21 GLU 21 20 20 GLU GLU B . n 
B 1 22 ASN 22 21 21 ASN ASN B . n 
B 1 23 GLU 23 22 22 GLU GLU B . n 
B 1 24 LEU 24 23 23 LEU LEU B . n 
B 1 25 ALA 25 24 24 ALA ALA B . n 
B 1 26 ARG 26 25 25 ARG ARG B . n 
B 1 27 ILE 27 26 26 ILE ILE B . n 
B 1 28 LYS 28 27 27 LYS LYS B . n 
B 1 29 LYS 29 28 28 LYS LYS B . n 
B 1 30 LEU 30 29 29 LEU LEU B . n 
B 1 31 LEU 31 30 30 LEU LEU B . n 
B 1 32 GLY 32 31 31 GLY GLY B . n 
B 1 33 GLU 33 32 32 GLU GLU B . n 
B 1 34 ARG 34 33 ?  ?   ?   B . n 
# 
loop_
_pdbx_nonpoly_scheme.asym_id 
_pdbx_nonpoly_scheme.entity_id 
_pdbx_nonpoly_scheme.mon_id 
_pdbx_nonpoly_scheme.ndb_seq_num 
_pdbx_nonpoly_scheme.pdb_seq_num 
_pdbx_nonpoly_scheme.auth_seq_num 
_pdbx_nonpoly_scheme.pdb_mon_id 
_pdbx_nonpoly_scheme.auth_mon_id 
_pdbx_nonpoly_scheme.pdb_strand_id 
_pdbx_nonpoly_scheme.pdb_ins_code 
C 2 CL  1  1033 1033 CL  CL  A . 
D 3 PIH 1  1033 1033 PIH PIH B . 
E 4 HOH 1  2001 2001 HOH HOH A . 
E 4 HOH 2  2002 2002 HOH HOH A . 
E 4 HOH 3  2003 2003 HOH HOH A . 
E 4 HOH 4  2004 2004 HOH HOH A . 
E 4 HOH 5  2005 2005 HOH HOH A . 
E 4 HOH 6  2006 2006 HOH HOH A . 
E 4 HOH 7  2007 2007 HOH HOH A . 
E 4 HOH 8  2008 2008 HOH HOH A . 
E 4 HOH 9  2009 2009 HOH HOH A . 
E 4 HOH 10 2010 2010 HOH HOH A . 
E 4 HOH 11 2011 2011 HOH HOH A . 
E 4 HOH 12 2012 2012 HOH HOH A . 
E 4 HOH 13 2013 2013 HOH HOH A . 
E 4 HOH 14 2014 2014 HOH HOH A . 
E 4 HOH 15 2015 2015 HOH HOH A . 
E 4 HOH 16 2016 2016 HOH HOH A . 
E 4 HOH 17 2017 2017 HOH HOH A . 
E 4 HOH 18 2018 2018 HOH HOH A . 
E 4 HOH 19 2019 2019 HOH HOH A . 
E 4 HOH 20 2020 2020 HOH HOH A . 
E 4 HOH 21 2021 2021 HOH HOH A . 
E 4 HOH 22 2022 2022 HOH HOH A . 
E 4 HOH 23 2023 2023 HOH HOH A . 
F 4 HOH 1  2001 2001 HOH HOH B . 
F 4 HOH 2  2002 2002 HOH HOH B . 
F 4 HOH 3  2003 2003 HOH HOH B . 
F 4 HOH 4  2004 2004 HOH HOH B . 
F 4 HOH 5  2005 2005 HOH HOH B . 
F 4 HOH 6  2006 2006 HOH HOH B . 
F 4 HOH 7  2007 2007 HOH HOH B . 
F 4 HOH 8  2008 2008 HOH HOH B . 
F 4 HOH 9  2009 2009 HOH HOH B . 
F 4 HOH 10 2010 2010 HOH HOH B . 
F 4 HOH 11 2011 2011 HOH HOH B . 
F 4 HOH 12 2012 2012 HOH HOH B . 
F 4 HOH 13 2013 2013 HOH HOH B . 
# 
loop_
_software.name 
_software.classification 
_software.version 
_software.citation_id 
_software.pdbx_ordinal 
REFMAC       refinement       .              ? 1 
CrystalClear 'data reduction' '(MSC/RIGAKU)' ? 2 
SCALA        'data scaling'   .              ? 3 
MOLREP       phasing          .              ? 4 
# 
_cell.entry_id           1UO4 
_cell.length_a           79.114 
_cell.length_b           79.114 
_cell.length_c           79.114 
_cell.angle_alpha        90.00 
_cell.angle_beta         90.00 
_cell.angle_gamma        90.00 
_cell.Z_PDB              48 
_cell.pdbx_unique_axis   ? 
# 
_symmetry.entry_id                         1UO4 
_symmetry.space_group_name_H-M             'P 41 3 2' 
_symmetry.pdbx_full_space_group_name_H-M   ? 
_symmetry.cell_setting                     ? 
_symmetry.Int_Tables_number                213 
# 
_exptl.entry_id          1UO4 
_exptl.method            'X-RAY DIFFRACTION' 
_exptl.crystals_number   1 
# 
_exptl_crystal.id                    1 
_exptl_crystal.density_meas          ? 
_exptl_crystal.density_Matthews      2.5 
_exptl_crystal.density_percent_sol   50 
_exptl_crystal.description           ? 
# 
_exptl_crystal_grow.crystal_id      1 
_exptl_crystal_grow.method          'VAPOR DIFFUSION, HANGING DROP' 
_exptl_crystal_grow.temp            ? 
_exptl_crystal_grow.temp_details    ? 
_exptl_crystal_grow.pH              7.00 
_exptl_crystal_grow.pdbx_pH_range   ? 
_exptl_crystal_grow.pdbx_details    'HANGING DROP, RESERVOIR: 10%W/V PEG 6K, 2 M NACL, PH 7.0' 
# 
_diffrn.id                     1 
_diffrn.ambient_temp           114.0 
_diffrn.ambient_temp_details   ? 
_diffrn.crystal_id             1 
# 
_diffrn_detector.diffrn_id              1 
_diffrn_detector.detector               ? 
_diffrn_detector.type                   ? 
_diffrn_detector.pdbx_collection_date   2003-02-15 
_diffrn_detector.details                ? 
# 
_diffrn_radiation.diffrn_id                        1 
_diffrn_radiation.wavelength_id                    1 
_diffrn_radiation.pdbx_monochromatic_or_laue_m_l   M 
_diffrn_radiation.monochromator                    ? 
_diffrn_radiation.pdbx_diffrn_protocol             'SINGLE WAVELENGTH' 
_diffrn_radiation.pdbx_scattering_type             x-ray 
# 
_diffrn_radiation_wavelength.id           1 
_diffrn_radiation_wavelength.wavelength   0.82 
_diffrn_radiation_wavelength.wt           1.0 
# 
_diffrn_source.diffrn_id                   1 
_diffrn_source.source                      SYNCHROTRON 
_diffrn_source.type                        'SSRL BEAMLINE BL11-1' 
_diffrn_source.pdbx_synchrotron_site       SSRL 
_diffrn_source.pdbx_synchrotron_beamline   BL11-1 
_diffrn_source.pdbx_wavelength             0.82 
_diffrn_source.pdbx_wavelength_list        ? 
# 
_reflns.pdbx_diffrn_id               1 
_reflns.pdbx_ordinal                 1 
_reflns.entry_id                     1UO4 
_reflns.observed_criterion_sigma_I   2.000 
_reflns.observed_criterion_sigma_F   ? 
_reflns.d_resolution_low             55.902 
_reflns.d_resolution_high            1.700 
_reflns.number_obs                   9782 
_reflns.number_all                   ? 
_reflns.percent_possible_obs         100.0 
_reflns.pdbx_Rmerge_I_obs            0.08000 
_reflns.pdbx_Rsym_value              ? 
_reflns.pdbx_netI_over_sigmaI        5.5000 
_reflns.B_iso_Wilson_estimate        ? 
_reflns.pdbx_redundancy              19.200 
# 
_refine.pdbx_refine_id                           'X-RAY DIFFRACTION' 
_refine.entry_id                                 1UO4 
_refine.pdbx_diffrn_id                           1 
_refine.pdbx_TLS_residual_ADP_flag               ? 
_refine.ls_number_reflns_obs                     9272 
_refine.ls_number_reflns_all                     ? 
_refine.pdbx_ls_sigma_I                          ? 
_refine.pdbx_ls_sigma_F                          ? 
_refine.pdbx_data_cutoff_high_absF               ? 
_refine.pdbx_data_cutoff_low_absF                ? 
_refine.pdbx_data_cutoff_high_rms_absF           ? 
_refine.ls_d_res_low                             55.90 
_refine.ls_d_res_high                            1.70 
_refine.ls_percent_reflns_obs                    99.83 
_refine.ls_R_factor_obs                          0.22482 
_refine.ls_R_factor_all                          ? 
_refine.ls_R_factor_R_work                       0.22331 
_refine.ls_R_factor_R_free                       0.25686 
_refine.ls_R_factor_R_free_error                 ? 
_refine.ls_R_factor_R_free_error_details         ? 
_refine.ls_percent_reflns_R_free                 4.8 
_refine.ls_number_reflns_R_free                  470 
_refine.ls_number_parameters                     ? 
_refine.ls_number_restraints                     ? 
_refine.occupancy_min                            ? 
_refine.occupancy_max                            ? 
_refine.correlation_coeff_Fo_to_Fc               ? 
_refine.correlation_coeff_Fo_to_Fc_free          ? 
_refine.B_iso_mean                               37.213 
_refine.aniso_B[1][1]                            ? 
_refine.aniso_B[2][2]                            ? 
_refine.aniso_B[3][3]                            ? 
_refine.aniso_B[1][2]                            ? 
_refine.aniso_B[1][3]                            ? 
_refine.aniso_B[2][3]                            ? 
_refine.solvent_model_details                    ? 
_refine.solvent_model_param_ksol                 ? 
_refine.solvent_model_param_bsol                 ? 
_refine.pdbx_solvent_vdw_probe_radii             ? 
_refine.pdbx_solvent_ion_probe_radii             ? 
_refine.pdbx_solvent_shrinkage_radii             ? 
_refine.pdbx_ls_cross_valid_method               THROUGHOUT 
_refine.details                                  ? 
_refine.pdbx_starting_model                      ? 
_refine.pdbx_method_to_determine_struct          'MOLECULAR REPLACEMENT' 
_refine.pdbx_isotropic_thermal_model             ? 
_refine.pdbx_stereochemistry_target_values       ? 
_refine.pdbx_stereochem_target_val_spec_case     ? 
_refine.pdbx_R_Free_selection_details            RANDOM 
_refine.pdbx_overall_ESU_R                       0.109 
_refine.pdbx_overall_ESU_R_Free                  0.109 
_refine.overall_SU_ML                            ? 
_refine.pdbx_overall_phase_error                 ? 
_refine.overall_SU_B                             ? 
_refine.overall_SU_R_Cruickshank_DPI             ? 
_refine.pdbx_overall_SU_R_free_Cruickshank_DPI   ? 
_refine.pdbx_overall_SU_R_Blow_DPI               ? 
_refine.pdbx_overall_SU_R_free_Blow_DPI          ? 
# 
_refine_hist.pdbx_refine_id                   'X-RAY DIFFRACTION' 
_refine_hist.cycle_id                         LAST 
_refine_hist.pdbx_number_atoms_protein        512 
_refine_hist.pdbx_number_atoms_nucleic_acid   0 
_refine_hist.pdbx_number_atoms_ligand         8 
_refine_hist.number_atoms_solvent             36 
_refine_hist.number_atoms_total               556 
_refine_hist.d_res_high                       1.70 
_refine_hist.d_res_low                        55.90 
# 
_struct.entry_id                  1UO4 
_struct.title                     'Structure Based Engineering of Internal Molecular Surfaces Of Four Helix Bundles' 
_struct.pdbx_model_details        ? 
_struct.pdbx_CASP_flag            ? 
_struct.pdbx_model_type_details   ? 
# 
_struct_keywords.entry_id        1UO4 
_struct_keywords.pdbx_keywords   'FOUR HELIX BUNDLE' 
_struct_keywords.text            'FOUR HELIX BUNDLE, CAVITY, IODOBENZENE' 
# 
loop_
_struct_asym.id 
_struct_asym.pdbx_blank_PDB_chainid_flag 
_struct_asym.pdbx_modified 
_struct_asym.entity_id 
_struct_asym.details 
A N N 1 ? 
B N N 1 ? 
C N N 2 ? 
D N N 3 ? 
E N N 4 ? 
F N N 4 ? 
# 
loop_
_struct_ref.id 
_struct_ref.db_name 
_struct_ref.db_code 
_struct_ref.entity_id 
_struct_ref.pdbx_seq_one_letter_code 
_struct_ref.pdbx_align_begin 
_struct_ref.pdbx_db_accession 
_struct_ref.pdbx_db_isoform 
1 PDB 1UO4       1 ? ? 1UO4   ? 
2 UNP GCN4_YEAST 1 ? ? P03069 ? 
# 
loop_
_struct_ref_seq.align_id 
_struct_ref_seq.ref_id 
_struct_ref_seq.pdbx_PDB_id_code 
_struct_ref_seq.pdbx_strand_id 
_struct_ref_seq.seq_align_beg 
_struct_ref_seq.pdbx_seq_align_beg_ins_code 
_struct_ref_seq.seq_align_end 
_struct_ref_seq.pdbx_seq_align_end_ins_code 
_struct_ref_seq.pdbx_db_accession 
_struct_ref_seq.db_align_beg 
_struct_ref_seq.pdbx_db_align_beg_ins_code 
_struct_ref_seq.db_align_end 
_struct_ref_seq.pdbx_db_align_end_ins_code 
_struct_ref_seq.pdbx_auth_seq_align_beg 
_struct_ref_seq.pdbx_auth_seq_align_end 
1 1 1UO4 A 1 ? 1  ? 1UO4   -1  ? -1  ? -1 -1 
2 2 1UO4 A 2 ? 34 ? P03069 249 ? 281 ? 1  33 
3 1 1UO4 B 1 ? 1  ? 1UO4   -1  ? -1  ? -1 -1 
4 2 1UO4 B 2 ? 34 ? P03069 249 ? 281 ? 1  33 
# 
loop_
_struct_ref_seq_dif.align_id 
_struct_ref_seq_dif.pdbx_pdb_id_code 
_struct_ref_seq_dif.mon_id 
_struct_ref_seq_dif.pdbx_pdb_strand_id 
_struct_ref_seq_dif.seq_num 
_struct_ref_seq_dif.pdbx_pdb_ins_code 
_struct_ref_seq_dif.pdbx_seq_db_name 
_struct_ref_seq_dif.pdbx_seq_db_accession_code 
_struct_ref_seq_dif.db_mon_id 
_struct_ref_seq_dif.pdbx_seq_db_seq_num 
_struct_ref_seq_dif.details 
_struct_ref_seq_dif.pdbx_auth_seq_num 
_struct_ref_seq_dif.pdbx_ordinal 
1 1UO4 ILE A 6  ? UNP P03069 LEU 253 conflict              5  1  
1 1UO4 GLY A 10 ? UNP P03069 VAL 257 'engineered mutation' 9  2  
1 1UO4 ILE A 13 ? UNP P03069 LEU 260 conflict              12 3  
1 1UO4 LEU A 17 ? UNP P03069 ASN 264 conflict              16 4  
1 1UO4 ILE A 20 ? UNP P03069 LEU 267 conflict              19 5  
1 1UO4 LEU A 24 ? UNP P03069 VAL 271 conflict              23 6  
1 1UO4 ILE A 27 ? UNP P03069 LEU 274 conflict              26 7  
1 1UO4 LEU A 31 ? UNP P03069 VAL 278 conflict              30 8  
3 1UO4 ILE B 6  ? UNP P03069 LEU 253 conflict              5  9  
3 1UO4 GLY B 10 ? UNP P03069 VAL 257 'engineered mutation' 9  10 
3 1UO4 ILE B 13 ? UNP P03069 LEU 260 conflict              12 11 
3 1UO4 LEU B 17 ? UNP P03069 ASN 264 conflict              16 12 
3 1UO4 ILE B 20 ? UNP P03069 LEU 267 conflict              19 13 
3 1UO4 LEU B 24 ? UNP P03069 VAL 271 conflict              23 14 
3 1UO4 ILE B 27 ? UNP P03069 LEU 274 conflict              26 15 
3 1UO4 LEU B 31 ? UNP P03069 VAL 278 conflict              30 16 
# 
_pdbx_struct_assembly.id                   1 
_pdbx_struct_assembly.details              author_and_software_defined_assembly 
_pdbx_struct_assembly.method_details       PQS 
_pdbx_struct_assembly.oligomeric_details   tetrameric 
_pdbx_struct_assembly.oligomeric_count     4 
# 
_pdbx_struct_assembly_gen.assembly_id       1 
_pdbx_struct_assembly_gen.oper_expression   1,2 
_pdbx_struct_assembly_gen.asym_id_list      A,B,C,D,E,F 
# 
loop_
_pdbx_struct_oper_list.id 
_pdbx_struct_oper_list.type 
_pdbx_struct_oper_list.name 
_pdbx_struct_oper_list.symmetry_operation 
_pdbx_struct_oper_list.matrix[1][1] 
_pdbx_struct_oper_list.matrix[1][2] 
_pdbx_struct_oper_list.matrix[1][3] 
_pdbx_struct_oper_list.vector[1] 
_pdbx_struct_oper_list.matrix[2][1] 
_pdbx_struct_oper_list.matrix[2][2] 
_pdbx_struct_oper_list.matrix[2][3] 
_pdbx_struct_oper_list.vector[2] 
_pdbx_struct_oper_list.matrix[3][1] 
_pdbx_struct_oper_list.matrix[3][2] 
_pdbx_struct_oper_list.matrix[3][3] 
_pdbx_struct_oper_list.vector[3] 
1 'identity operation'         1_555  x,y,z                1.0000000000  0.0000000000 0.0000000000 0.0000000000 0.0000000000 1.0000000000  0.0000000000 0.0000000000  0.0000000000 0.0000000000 1.0000000000 0.0000000000  
2 'crystal symmetry operation' 24_555 -z+3/4,-y+3/4,-x+3/4 -0.6028649980 0.2121635284 0.7691166566 7.9805927194 0.2121635284 -0.8866547583 0.4108892512 -4.8094131680 0.7691166566 0.4108892512 0.4895197563 -2.7941023252 
# 
_struct_biol.id   1 
# 
loop_
_struct_conf.conf_type_id 
_struct_conf.id 
_struct_conf.pdbx_PDB_helix_id 
_struct_conf.beg_label_comp_id 
_struct_conf.beg_label_asym_id 
_struct_conf.beg_label_seq_id 
_struct_conf.pdbx_beg_PDB_ins_code 
_struct_conf.end_label_comp_id 
_struct_conf.end_label_asym_id 
_struct_conf.end_label_seq_id 
_struct_conf.pdbx_end_PDB_ins_code 
_struct_conf.beg_auth_comp_id 
_struct_conf.beg_auth_asym_id 
_struct_conf.beg_auth_seq_id 
_struct_conf.end_auth_comp_id 
_struct_conf.end_auth_asym_id 
_struct_conf.end_auth_seq_id 
_struct_conf.pdbx_PDB_helix_class 
_struct_conf.details 
_struct_conf.pdbx_PDB_helix_length 
HELX_P HELX_P1 1 MET A 3 ? LEU A 31 ? MET A 2 LEU A 30 1 ? 29 
HELX_P HELX_P2 2 MET B 3 ? GLU B 33 ? MET B 2 GLU B 32 1 ? 31 
# 
_struct_conf_type.id          HELX_P 
_struct_conf_type.criteria    ? 
_struct_conf_type.reference   ? 
# 
loop_
_struct_site.id 
_struct_site.pdbx_evidence_code 
_struct_site.pdbx_auth_asym_id 
_struct_site.pdbx_auth_comp_id 
_struct_site.pdbx_auth_seq_id 
_struct_site.pdbx_auth_ins_code 
_struct_site.pdbx_num_residues 
_struct_site.details 
AC1 Software ? ? ? ? 4 'BINDING SITE FOR RESIDUE CL A1033'  
AC2 Software ? ? ? ? 1 'BINDING SITE FOR RESIDUE PIH B1033' 
# 
loop_
_struct_site_gen.id 
_struct_site_gen.site_id 
_struct_site_gen.pdbx_num_res 
_struct_site_gen.label_comp_id 
_struct_site_gen.label_asym_id 
_struct_site_gen.label_seq_id 
_struct_site_gen.pdbx_auth_ins_code 
_struct_site_gen.auth_comp_id 
_struct_site_gen.auth_asym_id 
_struct_site_gen.auth_seq_id 
_struct_site_gen.label_atom_id 
_struct_site_gen.label_alt_id 
_struct_site_gen.symmetry 
_struct_site_gen.details 
1 AC1 4 GLU A 11 ? GLU A 10 . ? 1_555 ? 
2 AC1 4 LYS B 9  ? LYS B 8  . ? 1_555 ? 
3 AC1 4 HIS B 19 ? HIS B 18 . ? 1_555 ? 
4 AC1 4 ASN B 22 ? ASN B 21 . ? 1_555 ? 
5 AC2 1 ILE A 6  ? ILE A 5  . ? 1_555 ? 
# 
_pdbx_entry_details.entry_id                   1UO4 
_pdbx_entry_details.compound_details           'ENGINEERED RESIDUE VAL 257 GLY, CHAINS A AND B' 
_pdbx_entry_details.source_details             ? 
_pdbx_entry_details.nonpolymer_details         ? 
_pdbx_entry_details.sequence_details           ? 
_pdbx_entry_details.has_ligand_of_interest     ? 
_pdbx_entry_details.has_protein_modification   N 
# 
_pdbx_validate_close_contact.id               1 
_pdbx_validate_close_contact.PDB_model_num    1 
_pdbx_validate_close_contact.auth_atom_id_1   OE1 
_pdbx_validate_close_contact.auth_asym_id_1   A 
_pdbx_validate_close_contact.auth_comp_id_1   GLU 
_pdbx_validate_close_contact.auth_seq_id_1    20 
_pdbx_validate_close_contact.PDB_ins_code_1   ? 
_pdbx_validate_close_contact.label_alt_id_1   ? 
_pdbx_validate_close_contact.auth_atom_id_2   O 
_pdbx_validate_close_contact.auth_asym_id_2   A 
_pdbx_validate_close_contact.auth_comp_id_2   HOH 
_pdbx_validate_close_contact.auth_seq_id_2    2012 
_pdbx_validate_close_contact.PDB_ins_code_2   ? 
_pdbx_validate_close_contact.label_alt_id_2   ? 
_pdbx_validate_close_contact.dist             2.01 
# 
_pdbx_validate_symm_contact.id                1 
_pdbx_validate_symm_contact.PDB_model_num     1 
_pdbx_validate_symm_contact.auth_atom_id_1    O 
_pdbx_validate_symm_contact.auth_asym_id_1    A 
_pdbx_validate_symm_contact.auth_comp_id_1    HOH 
_pdbx_validate_symm_contact.auth_seq_id_1     2009 
_pdbx_validate_symm_contact.PDB_ins_code_1    ? 
_pdbx_validate_symm_contact.label_alt_id_1    ? 
_pdbx_validate_symm_contact.site_symmetry_1   1_555 
_pdbx_validate_symm_contact.auth_atom_id_2    O 
_pdbx_validate_symm_contact.auth_asym_id_2    A 
_pdbx_validate_symm_contact.auth_comp_id_2    HOH 
_pdbx_validate_symm_contact.auth_seq_id_2     2010 
_pdbx_validate_symm_contact.PDB_ins_code_2    ? 
_pdbx_validate_symm_contact.label_alt_id_2    ? 
_pdbx_validate_symm_contact.site_symmetry_2   8_645 
_pdbx_validate_symm_contact.dist              2.13 
# 
_pdbx_validate_rmsd_bond.id                        1 
_pdbx_validate_rmsd_bond.PDB_model_num             1 
_pdbx_validate_rmsd_bond.auth_atom_id_1            CD 
_pdbx_validate_rmsd_bond.auth_asym_id_1            B 
_pdbx_validate_rmsd_bond.auth_comp_id_1            LYS 
_pdbx_validate_rmsd_bond.auth_seq_id_1             28 
_pdbx_validate_rmsd_bond.PDB_ins_code_1            ? 
_pdbx_validate_rmsd_bond.label_alt_id_1            ? 
_pdbx_validate_rmsd_bond.auth_atom_id_2            CE 
_pdbx_validate_rmsd_bond.auth_asym_id_2            B 
_pdbx_validate_rmsd_bond.auth_comp_id_2            LYS 
_pdbx_validate_rmsd_bond.auth_seq_id_2             28 
_pdbx_validate_rmsd_bond.PDB_ins_code_2            ? 
_pdbx_validate_rmsd_bond.label_alt_id_2            ? 
_pdbx_validate_rmsd_bond.bond_value                1.684 
_pdbx_validate_rmsd_bond.bond_target_value         1.508 
_pdbx_validate_rmsd_bond.bond_deviation            0.176 
_pdbx_validate_rmsd_bond.bond_standard_deviation   0.025 
_pdbx_validate_rmsd_bond.linker_flag               N 
# 
loop_
_pdbx_validate_rmsd_angle.id 
_pdbx_validate_rmsd_angle.PDB_model_num 
_pdbx_validate_rmsd_angle.auth_atom_id_1 
_pdbx_validate_rmsd_angle.auth_asym_id_1 
_pdbx_validate_rmsd_angle.auth_comp_id_1 
_pdbx_validate_rmsd_angle.auth_seq_id_1 
_pdbx_validate_rmsd_angle.PDB_ins_code_1 
_pdbx_validate_rmsd_angle.label_alt_id_1 
_pdbx_validate_rmsd_angle.auth_atom_id_2 
_pdbx_validate_rmsd_angle.auth_asym_id_2 
_pdbx_validate_rmsd_angle.auth_comp_id_2 
_pdbx_validate_rmsd_angle.auth_seq_id_2 
_pdbx_validate_rmsd_angle.PDB_ins_code_2 
_pdbx_validate_rmsd_angle.label_alt_id_2 
_pdbx_validate_rmsd_angle.auth_atom_id_3 
_pdbx_validate_rmsd_angle.auth_asym_id_3 
_pdbx_validate_rmsd_angle.auth_comp_id_3 
_pdbx_validate_rmsd_angle.auth_seq_id_3 
_pdbx_validate_rmsd_angle.PDB_ins_code_3 
_pdbx_validate_rmsd_angle.label_alt_id_3 
_pdbx_validate_rmsd_angle.angle_value 
_pdbx_validate_rmsd_angle.angle_target_value 
_pdbx_validate_rmsd_angle.angle_deviation 
_pdbx_validate_rmsd_angle.angle_standard_deviation 
_pdbx_validate_rmsd_angle.linker_flag 
1 1 CB B LEU 13 ? ? CG B LEU 13 ? ? CD1 B LEU 13 ? ? 100.62 111.00 -10.38 1.70 N 
2 1 CB B LEU 13 ? ? CG B LEU 13 ? ? CD2 B LEU 13 ? ? 124.70 111.00 13.70  1.70 N 
3 1 CD B LYS 15 ? ? CE B LYS 15 ? ? NZ  B LYS 15 ? ? 92.34  111.70 -19.36 2.30 N 
# 
loop_
_pdbx_unobs_or_zero_occ_residues.id 
_pdbx_unobs_or_zero_occ_residues.PDB_model_num 
_pdbx_unobs_or_zero_occ_residues.polymer_flag 
_pdbx_unobs_or_zero_occ_residues.occupancy_flag 
_pdbx_unobs_or_zero_occ_residues.auth_asym_id 
_pdbx_unobs_or_zero_occ_residues.auth_comp_id 
_pdbx_unobs_or_zero_occ_residues.auth_seq_id 
_pdbx_unobs_or_zero_occ_residues.PDB_ins_code 
_pdbx_unobs_or_zero_occ_residues.label_asym_id 
_pdbx_unobs_or_zero_occ_residues.label_comp_id 
_pdbx_unobs_or_zero_occ_residues.label_seq_id 
1 1 Y 1 A ACE -1 ? A ACE 1  
2 1 Y 1 A ARG 1  ? A ARG 2  
3 1 Y 1 A ARG 33 ? A ARG 34 
4 1 Y 1 B ACE -1 ? B ACE 1  
5 1 Y 1 B ARG 1  ? B ARG 2  
6 1 Y 1 B ARG 33 ? B ARG 34 
# 
loop_
_chem_comp_atom.comp_id 
_chem_comp_atom.atom_id 
_chem_comp_atom.type_symbol 
_chem_comp_atom.pdbx_aromatic_flag 
_chem_comp_atom.pdbx_stereo_config 
_chem_comp_atom.pdbx_ordinal 
ACE C    C  N N 1   
ACE O    O  N N 2   
ACE CH3  C  N N 3   
ACE H    H  N N 4   
ACE H1   H  N N 5   
ACE H2   H  N N 6   
ACE H3   H  N N 7   
ALA N    N  N N 8   
ALA CA   C  N S 9   
ALA C    C  N N 10  
ALA O    O  N N 11  
ALA CB   C  N N 12  
ALA OXT  O  N N 13  
ALA H    H  N N 14  
ALA H2   H  N N 15  
ALA HA   H  N N 16  
ALA HB1  H  N N 17  
ALA HB2  H  N N 18  
ALA HB3  H  N N 19  
ALA HXT  H  N N 20  
ARG N    N  N N 21  
ARG CA   C  N S 22  
ARG C    C  N N 23  
ARG O    O  N N 24  
ARG CB   C  N N 25  
ARG CG   C  N N 26  
ARG CD   C  N N 27  
ARG NE   N  N N 28  
ARG CZ   C  N N 29  
ARG NH1  N  N N 30  
ARG NH2  N  N N 31  
ARG OXT  O  N N 32  
ARG H    H  N N 33  
ARG H2   H  N N 34  
ARG HA   H  N N 35  
ARG HB2  H  N N 36  
ARG HB3  H  N N 37  
ARG HG2  H  N N 38  
ARG HG3  H  N N 39  
ARG HD2  H  N N 40  
ARG HD3  H  N N 41  
ARG HE   H  N N 42  
ARG HH11 H  N N 43  
ARG HH12 H  N N 44  
ARG HH21 H  N N 45  
ARG HH22 H  N N 46  
ARG HXT  H  N N 47  
ASN N    N  N N 48  
ASN CA   C  N S 49  
ASN C    C  N N 50  
ASN O    O  N N 51  
ASN CB   C  N N 52  
ASN CG   C  N N 53  
ASN OD1  O  N N 54  
ASN ND2  N  N N 55  
ASN OXT  O  N N 56  
ASN H    H  N N 57  
ASN H2   H  N N 58  
ASN HA   H  N N 59  
ASN HB2  H  N N 60  
ASN HB3  H  N N 61  
ASN HD21 H  N N 62  
ASN HD22 H  N N 63  
ASN HXT  H  N N 64  
ASP N    N  N N 65  
ASP CA   C  N S 66  
ASP C    C  N N 67  
ASP O    O  N N 68  
ASP CB   C  N N 69  
ASP CG   C  N N 70  
ASP OD1  O  N N 71  
ASP OD2  O  N N 72  
ASP OXT  O  N N 73  
ASP H    H  N N 74  
ASP H2   H  N N 75  
ASP HA   H  N N 76  
ASP HB2  H  N N 77  
ASP HB3  H  N N 78  
ASP HD2  H  N N 79  
ASP HXT  H  N N 80  
CL  CL   CL N N 81  
GLN N    N  N N 82  
GLN CA   C  N S 83  
GLN C    C  N N 84  
GLN O    O  N N 85  
GLN CB   C  N N 86  
GLN CG   C  N N 87  
GLN CD   C  N N 88  
GLN OE1  O  N N 89  
GLN NE2  N  N N 90  
GLN OXT  O  N N 91  
GLN H    H  N N 92  
GLN H2   H  N N 93  
GLN HA   H  N N 94  
GLN HB2  H  N N 95  
GLN HB3  H  N N 96  
GLN HG2  H  N N 97  
GLN HG3  H  N N 98  
GLN HE21 H  N N 99  
GLN HE22 H  N N 100 
GLN HXT  H  N N 101 
GLU N    N  N N 102 
GLU CA   C  N S 103 
GLU C    C  N N 104 
GLU O    O  N N 105 
GLU CB   C  N N 106 
GLU CG   C  N N 107 
GLU CD   C  N N 108 
GLU OE1  O  N N 109 
GLU OE2  O  N N 110 
GLU OXT  O  N N 111 
GLU H    H  N N 112 
GLU H2   H  N N 113 
GLU HA   H  N N 114 
GLU HB2  H  N N 115 
GLU HB3  H  N N 116 
GLU HG2  H  N N 117 
GLU HG3  H  N N 118 
GLU HE2  H  N N 119 
GLU HXT  H  N N 120 
GLY N    N  N N 121 
GLY CA   C  N N 122 
GLY C    C  N N 123 
GLY O    O  N N 124 
GLY OXT  O  N N 125 
GLY H    H  N N 126 
GLY H2   H  N N 127 
GLY HA2  H  N N 128 
GLY HA3  H  N N 129 
GLY HXT  H  N N 130 
HIS N    N  N N 131 
HIS CA   C  N S 132 
HIS C    C  N N 133 
HIS O    O  N N 134 
HIS CB   C  N N 135 
HIS CG   C  Y N 136 
HIS ND1  N  Y N 137 
HIS CD2  C  Y N 138 
HIS CE1  C  Y N 139 
HIS NE2  N  Y N 140 
HIS OXT  O  N N 141 
HIS H    H  N N 142 
HIS H2   H  N N 143 
HIS HA   H  N N 144 
HIS HB2  H  N N 145 
HIS HB3  H  N N 146 
HIS HD1  H  N N 147 
HIS HD2  H  N N 148 
HIS HE1  H  N N 149 
HIS HE2  H  N N 150 
HIS HXT  H  N N 151 
HOH O    O  N N 152 
HOH H1   H  N N 153 
HOH H2   H  N N 154 
ILE N    N  N N 155 
ILE CA   C  N S 156 
ILE C    C  N N 157 
ILE O    O  N N 158 
ILE CB   C  N S 159 
ILE CG1  C  N N 160 
ILE CG2  C  N N 161 
ILE CD1  C  N N 162 
ILE OXT  O  N N 163 
ILE H    H  N N 164 
ILE H2   H  N N 165 
ILE HA   H  N N 166 
ILE HB   H  N N 167 
ILE HG12 H  N N 168 
ILE HG13 H  N N 169 
ILE HG21 H  N N 170 
ILE HG22 H  N N 171 
ILE HG23 H  N N 172 
ILE HD11 H  N N 173 
ILE HD12 H  N N 174 
ILE HD13 H  N N 175 
ILE HXT  H  N N 176 
LEU N    N  N N 177 
LEU CA   C  N S 178 
LEU C    C  N N 179 
LEU O    O  N N 180 
LEU CB   C  N N 181 
LEU CG   C  N N 182 
LEU CD1  C  N N 183 
LEU CD2  C  N N 184 
LEU OXT  O  N N 185 
LEU H    H  N N 186 
LEU H2   H  N N 187 
LEU HA   H  N N 188 
LEU HB2  H  N N 189 
LEU HB3  H  N N 190 
LEU HG   H  N N 191 
LEU HD11 H  N N 192 
LEU HD12 H  N N 193 
LEU HD13 H  N N 194 
LEU HD21 H  N N 195 
LEU HD22 H  N N 196 
LEU HD23 H  N N 197 
LEU HXT  H  N N 198 
LYS N    N  N N 199 
LYS CA   C  N S 200 
LYS C    C  N N 201 
LYS O    O  N N 202 
LYS CB   C  N N 203 
LYS CG   C  N N 204 
LYS CD   C  N N 205 
LYS CE   C  N N 206 
LYS NZ   N  N N 207 
LYS OXT  O  N N 208 
LYS H    H  N N 209 
LYS H2   H  N N 210 
LYS HA   H  N N 211 
LYS HB2  H  N N 212 
LYS HB3  H  N N 213 
LYS HG2  H  N N 214 
LYS HG3  H  N N 215 
LYS HD2  H  N N 216 
LYS HD3  H  N N 217 
LYS HE2  H  N N 218 
LYS HE3  H  N N 219 
LYS HZ1  H  N N 220 
LYS HZ2  H  N N 221 
LYS HZ3  H  N N 222 
LYS HXT  H  N N 223 
MET N    N  N N 224 
MET CA   C  N S 225 
MET C    C  N N 226 
MET O    O  N N 227 
MET CB   C  N N 228 
MET CG   C  N N 229 
MET SD   S  N N 230 
MET CE   C  N N 231 
MET OXT  O  N N 232 
MET H    H  N N 233 
MET H2   H  N N 234 
MET HA   H  N N 235 
MET HB2  H  N N 236 
MET HB3  H  N N 237 
MET HG2  H  N N 238 
MET HG3  H  N N 239 
MET HE1  H  N N 240 
MET HE2  H  N N 241 
MET HE3  H  N N 242 
MET HXT  H  N N 243 
PIH C1   C  Y N 244 
PIH C2   C  Y N 245 
PIH C3   C  Y N 246 
PIH C4   C  Y N 247 
PIH C5   C  Y N 248 
PIH C6   C  Y N 249 
PIH I6   I  N N 250 
PIH H1   H  N N 251 
PIH H2   H  N N 252 
PIH H3   H  N N 253 
PIH H4   H  N N 254 
PIH H5   H  N N 255 
SER N    N  N N 256 
SER CA   C  N S 257 
SER C    C  N N 258 
SER O    O  N N 259 
SER CB   C  N N 260 
SER OG   O  N N 261 
SER OXT  O  N N 262 
SER H    H  N N 263 
SER H2   H  N N 264 
SER HA   H  N N 265 
SER HB2  H  N N 266 
SER HB3  H  N N 267 
SER HG   H  N N 268 
SER HXT  H  N N 269 
TYR N    N  N N 270 
TYR CA   C  N S 271 
TYR C    C  N N 272 
TYR O    O  N N 273 
TYR CB   C  N N 274 
TYR CG   C  Y N 275 
TYR CD1  C  Y N 276 
TYR CD2  C  Y N 277 
TYR CE1  C  Y N 278 
TYR CE2  C  Y N 279 
TYR CZ   C  Y N 280 
TYR OH   O  N N 281 
TYR OXT  O  N N 282 
TYR H    H  N N 283 
TYR H2   H  N N 284 
TYR HA   H  N N 285 
TYR HB2  H  N N 286 
TYR HB3  H  N N 287 
TYR HD1  H  N N 288 
TYR HD2  H  N N 289 
TYR HE1  H  N N 290 
TYR HE2  H  N N 291 
TYR HH   H  N N 292 
TYR HXT  H  N N 293 
VAL N    N  N N 294 
VAL CA   C  N S 295 
VAL C    C  N N 296 
VAL O    O  N N 297 
VAL CB   C  N N 298 
VAL CG1  C  N N 299 
VAL CG2  C  N N 300 
VAL OXT  O  N N 301 
VAL H    H  N N 302 
VAL H2   H  N N 303 
VAL HA   H  N N 304 
VAL HB   H  N N 305 
VAL HG11 H  N N 306 
VAL HG12 H  N N 307 
VAL HG13 H  N N 308 
VAL HG21 H  N N 309 
VAL HG22 H  N N 310 
VAL HG23 H  N N 311 
VAL HXT  H  N N 312 
# 
loop_
_chem_comp_bond.comp_id 
_chem_comp_bond.atom_id_1 
_chem_comp_bond.atom_id_2 
_chem_comp_bond.value_order 
_chem_comp_bond.pdbx_aromatic_flag 
_chem_comp_bond.pdbx_stereo_config 
_chem_comp_bond.pdbx_ordinal 
ACE C   O    doub N N 1   
ACE C   CH3  sing N N 2   
ACE C   H    sing N N 3   
ACE CH3 H1   sing N N 4   
ACE CH3 H2   sing N N 5   
ACE CH3 H3   sing N N 6   
ALA N   CA   sing N N 7   
ALA N   H    sing N N 8   
ALA N   H2   sing N N 9   
ALA CA  C    sing N N 10  
ALA CA  CB   sing N N 11  
ALA CA  HA   sing N N 12  
ALA C   O    doub N N 13  
ALA C   OXT  sing N N 14  
ALA CB  HB1  sing N N 15  
ALA CB  HB2  sing N N 16  
ALA CB  HB3  sing N N 17  
ALA OXT HXT  sing N N 18  
ARG N   CA   sing N N 19  
ARG N   H    sing N N 20  
ARG N   H2   sing N N 21  
ARG CA  C    sing N N 22  
ARG CA  CB   sing N N 23  
ARG CA  HA   sing N N 24  
ARG C   O    doub N N 25  
ARG C   OXT  sing N N 26  
ARG CB  CG   sing N N 27  
ARG CB  HB2  sing N N 28  
ARG CB  HB3  sing N N 29  
ARG CG  CD   sing N N 30  
ARG CG  HG2  sing N N 31  
ARG CG  HG3  sing N N 32  
ARG CD  NE   sing N N 33  
ARG CD  HD2  sing N N 34  
ARG CD  HD3  sing N N 35  
ARG NE  CZ   sing N N 36  
ARG NE  HE   sing N N 37  
ARG CZ  NH1  sing N N 38  
ARG CZ  NH2  doub N N 39  
ARG NH1 HH11 sing N N 40  
ARG NH1 HH12 sing N N 41  
ARG NH2 HH21 sing N N 42  
ARG NH2 HH22 sing N N 43  
ARG OXT HXT  sing N N 44  
ASN N   CA   sing N N 45  
ASN N   H    sing N N 46  
ASN N   H2   sing N N 47  
ASN CA  C    sing N N 48  
ASN CA  CB   sing N N 49  
ASN CA  HA   sing N N 50  
ASN C   O    doub N N 51  
ASN C   OXT  sing N N 52  
ASN CB  CG   sing N N 53  
ASN CB  HB2  sing N N 54  
ASN CB  HB3  sing N N 55  
ASN CG  OD1  doub N N 56  
ASN CG  ND2  sing N N 57  
ASN ND2 HD21 sing N N 58  
ASN ND2 HD22 sing N N 59  
ASN OXT HXT  sing N N 60  
ASP N   CA   sing N N 61  
ASP N   H    sing N N 62  
ASP N   H2   sing N N 63  
ASP CA  C    sing N N 64  
ASP CA  CB   sing N N 65  
ASP CA  HA   sing N N 66  
ASP C   O    doub N N 67  
ASP C   OXT  sing N N 68  
ASP CB  CG   sing N N 69  
ASP CB  HB2  sing N N 70  
ASP CB  HB3  sing N N 71  
ASP CG  OD1  doub N N 72  
ASP CG  OD2  sing N N 73  
ASP OD2 HD2  sing N N 74  
ASP OXT HXT  sing N N 75  
GLN N   CA   sing N N 76  
GLN N   H    sing N N 77  
GLN N   H2   sing N N 78  
GLN CA  C    sing N N 79  
GLN CA  CB   sing N N 80  
GLN CA  HA   sing N N 81  
GLN C   O    doub N N 82  
GLN C   OXT  sing N N 83  
GLN CB  CG   sing N N 84  
GLN CB  HB2  sing N N 85  
GLN CB  HB3  sing N N 86  
GLN CG  CD   sing N N 87  
GLN CG  HG2  sing N N 88  
GLN CG  HG3  sing N N 89  
GLN CD  OE1  doub N N 90  
GLN CD  NE2  sing N N 91  
GLN NE2 HE21 sing N N 92  
GLN NE2 HE22 sing N N 93  
GLN OXT HXT  sing N N 94  
GLU N   CA   sing N N 95  
GLU N   H    sing N N 96  
GLU N   H2   sing N N 97  
GLU CA  C    sing N N 98  
GLU CA  CB   sing N N 99  
GLU CA  HA   sing N N 100 
GLU C   O    doub N N 101 
GLU C   OXT  sing N N 102 
GLU CB  CG   sing N N 103 
GLU CB  HB2  sing N N 104 
GLU CB  HB3  sing N N 105 
GLU CG  CD   sing N N 106 
GLU CG  HG2  sing N N 107 
GLU CG  HG3  sing N N 108 
GLU CD  OE1  doub N N 109 
GLU CD  OE2  sing N N 110 
GLU OE2 HE2  sing N N 111 
GLU OXT HXT  sing N N 112 
GLY N   CA   sing N N 113 
GLY N   H    sing N N 114 
GLY N   H2   sing N N 115 
GLY CA  C    sing N N 116 
GLY CA  HA2  sing N N 117 
GLY CA  HA3  sing N N 118 
GLY C   O    doub N N 119 
GLY C   OXT  sing N N 120 
GLY OXT HXT  sing N N 121 
HIS N   CA   sing N N 122 
HIS N   H    sing N N 123 
HIS N   H2   sing N N 124 
HIS CA  C    sing N N 125 
HIS CA  CB   sing N N 126 
HIS CA  HA   sing N N 127 
HIS C   O    doub N N 128 
HIS C   OXT  sing N N 129 
HIS CB  CG   sing N N 130 
HIS CB  HB2  sing N N 131 
HIS CB  HB3  sing N N 132 
HIS CG  ND1  sing Y N 133 
HIS CG  CD2  doub Y N 134 
HIS ND1 CE1  doub Y N 135 
HIS ND1 HD1  sing N N 136 
HIS CD2 NE2  sing Y N 137 
HIS CD2 HD2  sing N N 138 
HIS CE1 NE2  sing Y N 139 
HIS CE1 HE1  sing N N 140 
HIS NE2 HE2  sing N N 141 
HIS OXT HXT  sing N N 142 
HOH O   H1   sing N N 143 
HOH O   H2   sing N N 144 
ILE N   CA   sing N N 145 
ILE N   H    sing N N 146 
ILE N   H2   sing N N 147 
ILE CA  C    sing N N 148 
ILE CA  CB   sing N N 149 
ILE CA  HA   sing N N 150 
ILE C   O    doub N N 151 
ILE C   OXT  sing N N 152 
ILE CB  CG1  sing N N 153 
ILE CB  CG2  sing N N 154 
ILE CB  HB   sing N N 155 
ILE CG1 CD1  sing N N 156 
ILE CG1 HG12 sing N N 157 
ILE CG1 HG13 sing N N 158 
ILE CG2 HG21 sing N N 159 
ILE CG2 HG22 sing N N 160 
ILE CG2 HG23 sing N N 161 
ILE CD1 HD11 sing N N 162 
ILE CD1 HD12 sing N N 163 
ILE CD1 HD13 sing N N 164 
ILE OXT HXT  sing N N 165 
LEU N   CA   sing N N 166 
LEU N   H    sing N N 167 
LEU N   H2   sing N N 168 
LEU CA  C    sing N N 169 
LEU CA  CB   sing N N 170 
LEU CA  HA   sing N N 171 
LEU C   O    doub N N 172 
LEU C   OXT  sing N N 173 
LEU CB  CG   sing N N 174 
LEU CB  HB2  sing N N 175 
LEU CB  HB3  sing N N 176 
LEU CG  CD1  sing N N 177 
LEU CG  CD2  sing N N 178 
LEU CG  HG   sing N N 179 
LEU CD1 HD11 sing N N 180 
LEU CD1 HD12 sing N N 181 
LEU CD1 HD13 sing N N 182 
LEU CD2 HD21 sing N N 183 
LEU CD2 HD22 sing N N 184 
LEU CD2 HD23 sing N N 185 
LEU OXT HXT  sing N N 186 
LYS N   CA   sing N N 187 
LYS N   H    sing N N 188 
LYS N   H2   sing N N 189 
LYS CA  C    sing N N 190 
LYS CA  CB   sing N N 191 
LYS CA  HA   sing N N 192 
LYS C   O    doub N N 193 
LYS C   OXT  sing N N 194 
LYS CB  CG   sing N N 195 
LYS CB  HB2  sing N N 196 
LYS CB  HB3  sing N N 197 
LYS CG  CD   sing N N 198 
LYS CG  HG2  sing N N 199 
LYS CG  HG3  sing N N 200 
LYS CD  CE   sing N N 201 
LYS CD  HD2  sing N N 202 
LYS CD  HD3  sing N N 203 
LYS CE  NZ   sing N N 204 
LYS CE  HE2  sing N N 205 
LYS CE  HE3  sing N N 206 
LYS NZ  HZ1  sing N N 207 
LYS NZ  HZ2  sing N N 208 
LYS NZ  HZ3  sing N N 209 
LYS OXT HXT  sing N N 210 
MET N   CA   sing N N 211 
MET N   H    sing N N 212 
MET N   H2   sing N N 213 
MET CA  C    sing N N 214 
MET CA  CB   sing N N 215 
MET CA  HA   sing N N 216 
MET C   O    doub N N 217 
MET C   OXT  sing N N 218 
MET CB  CG   sing N N 219 
MET CB  HB2  sing N N 220 
MET CB  HB3  sing N N 221 
MET CG  SD   sing N N 222 
MET CG  HG2  sing N N 223 
MET CG  HG3  sing N N 224 
MET SD  CE   sing N N 225 
MET CE  HE1  sing N N 226 
MET CE  HE2  sing N N 227 
MET CE  HE3  sing N N 228 
MET OXT HXT  sing N N 229 
PIH C1  C2   doub Y N 230 
PIH C1  C6   sing Y N 231 
PIH C1  H1   sing N N 232 
PIH C2  C3   sing Y N 233 
PIH C2  H2   sing N N 234 
PIH C3  C4   doub Y N 235 
PIH C3  H3   sing N N 236 
PIH C4  C5   sing Y N 237 
PIH C4  H4   sing N N 238 
PIH C5  C6   doub Y N 239 
PIH C5  H5   sing N N 240 
PIH C6  I6   sing N N 241 
SER N   CA   sing N N 242 
SER N   H    sing N N 243 
SER N   H2   sing N N 244 
SER CA  C    sing N N 245 
SER CA  CB   sing N N 246 
SER CA  HA   sing N N 247 
SER C   O    doub N N 248 
SER C   OXT  sing N N 249 
SER CB  OG   sing N N 250 
SER CB  HB2  sing N N 251 
SER CB  HB3  sing N N 252 
SER OG  HG   sing N N 253 
SER OXT HXT  sing N N 254 
TYR N   CA   sing N N 255 
TYR N   H    sing N N 256 
TYR N   H2   sing N N 257 
TYR CA  C    sing N N 258 
TYR CA  CB   sing N N 259 
TYR CA  HA   sing N N 260 
TYR C   O    doub N N 261 
TYR C   OXT  sing N N 262 
TYR CB  CG   sing N N 263 
TYR CB  HB2  sing N N 264 
TYR CB  HB3  sing N N 265 
TYR CG  CD1  doub Y N 266 
TYR CG  CD2  sing Y N 267 
TYR CD1 CE1  sing Y N 268 
TYR CD1 HD1  sing N N 269 
TYR CD2 CE2  doub Y N 270 
TYR CD2 HD2  sing N N 271 
TYR CE1 CZ   doub Y N 272 
TYR CE1 HE1  sing N N 273 
TYR CE2 CZ   sing Y N 274 
TYR CE2 HE2  sing N N 275 
TYR CZ  OH   sing N N 276 
TYR OH  HH   sing N N 277 
TYR OXT HXT  sing N N 278 
VAL N   CA   sing N N 279 
VAL N   H    sing N N 280 
VAL N   H2   sing N N 281 
VAL CA  C    sing N N 282 
VAL CA  CB   sing N N 283 
VAL CA  HA   sing N N 284 
VAL C   O    doub N N 285 
VAL C   OXT  sing N N 286 
VAL CB  CG1  sing N N 287 
VAL CB  CG2  sing N N 288 
VAL CB  HB   sing N N 289 
VAL CG1 HG11 sing N N 290 
VAL CG1 HG12 sing N N 291 
VAL CG1 HG13 sing N N 292 
VAL CG2 HG21 sing N N 293 
VAL CG2 HG22 sing N N 294 
VAL CG2 HG23 sing N N 295 
VAL OXT HXT  sing N N 296 
# 
_atom_sites.entry_id                    1UO4 
_atom_sites.fract_transf_matrix[1][1]   -0.01104631 
_atom_sites.fract_transf_matrix[1][2]   0.00285479 
_atom_sites.fract_transf_matrix[1][3]   -0.00544048 
_atom_sites.fract_transf_matrix[2][1]   -0.00531578 
_atom_sites.fract_transf_matrix[2][2]   -0.01005305 
_atom_sites.fract_transf_matrix[2][3]   0.00551799 
_atom_sites.fract_transf_matrix[3][1]   -0.00308075 
_atom_sites.fract_transf_matrix[3][2]   0.00711027 
_atom_sites.fract_transf_matrix[3][3]   0.00998612 
_atom_sites.fract_transf_vector[1]      0.762965 
_atom_sites.fract_transf_vector[2]      0.379746 
_atom_sites.fract_transf_vector[3]      0.073720 
# 
loop_
_atom_type.symbol 
C  
CL 
I  
N  
O  
S  
# 
loop_
_atom_site.group_PDB 
_atom_site.id 
_atom_site.type_symbol 
_atom_site.label_atom_id 
_atom_site.label_alt_id 
_atom_site.label_comp_id 
_atom_site.label_asym_id 
_atom_site.label_entity_id 
_atom_site.label_seq_id 
_atom_site.pdbx_PDB_ins_code 
_atom_site.Cartn_x 
_atom_site.Cartn_y 
_atom_site.Cartn_z 
_atom_site.occupancy 
_atom_site.B_iso_or_equiv 
_atom_site.pdbx_formal_charge 
_atom_site.auth_seq_id 
_atom_site.auth_comp_id 
_atom_site.auth_asym_id 
_atom_site.auth_atom_id 
_atom_site.pdbx_PDB_model_num 
ATOM   1   N  N   . MET A 1 3  ? -7.565  -4.450  -21.766 1.00 67.06  ? 2    MET A N   1 
ATOM   2   C  CA  . MET A 1 3  ? -8.804  -3.959  -21.051 1.00 66.17  ? 2    MET A CA  1 
ATOM   3   C  C   . MET A 1 3  ? -8.559  -2.716  -20.137 1.00 64.85  ? 2    MET A C   1 
ATOM   4   O  O   . MET A 1 3  ? -7.486  -2.543  -19.485 1.00 64.31  ? 2    MET A O   1 
ATOM   5   C  CB  . MET A 1 3  ? -9.448  -5.128  -20.311 1.00 67.55  ? 2    MET A CB  1 
ATOM   6   C  CG  . MET A 1 3  ? -10.624 -4.874  -19.401 1.00 71.68  ? 2    MET A CG  1 
ATOM   7   S  SD  . MET A 1 3  ? -12.200 -4.165  -20.108 1.00 84.55  ? 2    MET A SD  1 
ATOM   8   C  CE  . MET A 1 3  ? -13.471 -5.266  -19.330 1.00 83.17  ? 2    MET A CE  1 
ATOM   9   N  N   . LYS A 1 4  ? -9.562  -1.822  -20.118 1.00 62.24  ? 3    LYS A N   1 
ATOM   10  C  CA  . LYS A 1 4  ? -9.508  -0.621  -19.282 1.00 60.15  ? 3    LYS A CA  1 
ATOM   11  C  C   . LYS A 1 4  ? -9.792  -0.993  -17.782 1.00 57.96  ? 3    LYS A C   1 
ATOM   12  O  O   . LYS A 1 4  ? -9.273  -0.337  -16.886 1.00 57.62  ? 3    LYS A O   1 
ATOM   13  C  CB  . LYS A 1 4  ? -10.413 0.517   -19.857 1.00 61.27  ? 3    LYS A CB  1 
ATOM   14  C  CG  . LYS A 1 4  ? -11.878 0.548   -19.319 1.00 62.43  ? 3    LYS A CG  1 
ATOM   15  C  CD  . LYS A 1 4  ? -12.634 1.896   -19.642 1.00 67.21  ? 3    LYS A CD  1 
ATOM   16  C  CE  . LYS A 1 4  ? -13.084 2.035   -21.118 1.00 67.94  ? 3    LYS A CE  1 
ATOM   17  N  NZ  . LYS A 1 4  ? -13.663 3.404   -21.302 1.00 69.96  ? 3    LYS A NZ  1 
ATOM   18  N  N   . GLN A 1 5  ? -10.546 -2.056  -17.497 1.00 55.09  ? 4    GLN A N   1 
ATOM   19  C  CA  . GLN A 1 5  ? -10.718 -2.520  -16.106 1.00 53.17  ? 4    GLN A CA  1 
ATOM   20  C  C   . GLN A 1 5  ? -9.322  -2.840  -15.477 1.00 49.73  ? 4    GLN A C   1 
ATOM   21  O  O   . GLN A 1 5  ? -9.028  -2.425  -14.355 1.00 47.57  ? 4    GLN A O   1 
ATOM   22  C  CB  . GLN A 1 5  ? -11.685 -3.722  -15.982 1.00 53.79  ? 4    GLN A CB  1 
ATOM   23  C  CG  . GLN A 1 5  ? -11.763 -4.354  -14.530 1.00 59.59  ? 4    GLN A CG  1 
ATOM   24  C  CD  . GLN A 1 5  ? -12.715 -5.577  -14.415 1.00 65.98  ? 4    GLN A CD  1 
ATOM   25  O  OE1 . GLN A 1 5  ? -13.701 -5.663  -15.167 1.00 71.50  ? 4    GLN A OE1 1 
ATOM   26  N  NE2 . GLN A 1 5  ? -12.432 -6.504  -13.468 1.00 64.64  ? 4    GLN A NE2 1 
ATOM   27  N  N   . ILE A 1 6  ? -8.471  -3.517  -16.243 1.00 47.12  ? 5    ILE A N   1 
ATOM   28  C  CA  . ILE A 1 6  ? -7.115  -3.886  -15.778 1.00 45.43  ? 5    ILE A CA  1 
ATOM   29  C  C   . ILE A 1 6  ? -6.242  -2.604  -15.605 1.00 44.82  ? 5    ILE A C   1 
ATOM   30  O  O   . ILE A 1 6  ? -5.461  -2.449  -14.644 1.00 43.17  ? 5    ILE A O   1 
ATOM   31  C  CB  . ILE A 1 6  ? -6.495  -4.904  -16.791 1.00 46.12  ? 5    ILE A CB  1 
ATOM   32  C  CG1 . ILE A 1 6  ? -7.313  -6.204  -16.723 1.00 49.50  ? 5    ILE A CG1 1 
ATOM   33  C  CG2 . ILE A 1 6  ? -4.982  -5.035  -16.521 1.00 43.66  ? 5    ILE A CG2 1 
ATOM   34  C  CD1 . ILE A 1 6  ? -7.076  -7.222  -17.828 1.00 53.11  ? 5    ILE A CD1 1 
ATOM   35  N  N   . GLU A 1 7  ? -6.323  -1.696  -16.576 1.00 43.73  ? 6    GLU A N   1 
ATOM   36  C  CA  . GLU A 1 7  ? -5.575  -0.427  -16.554 1.00 44.99  ? 6    GLU A CA  1 
ATOM   37  C  C   . GLU A 1 7  ? -5.953  0.351   -15.303 1.00 41.14  ? 6    GLU A C   1 
ATOM   38  O  O   . GLU A 1 7  ? -5.101  0.797   -14.585 1.00 39.86  ? 6    GLU A O   1 
ATOM   39  C  CB  . GLU A 1 7  ? -5.909  0.373   -17.815 1.00 46.44  ? 6    GLU A CB  1 
ATOM   40  C  CG  . GLU A 1 7  ? -4.806  1.288   -18.331 1.00 53.71  ? 6    GLU A CG  1 
ATOM   41  C  CD  . GLU A 1 7  ? -5.178  1.913   -19.727 1.00 62.45  ? 6    GLU A CD  1 
ATOM   42  O  OE1 . GLU A 1 7  ? -6.028  1.313   -20.483 1.00 70.93  ? 6    GLU A OE1 1 
ATOM   43  O  OE2 . GLU A 1 7  ? -4.621  3.001   -20.066 1.00 70.78  ? 6    GLU A OE2 1 
ATOM   44  N  N   . ASP A 1 8  ? -7.242  0.429   -15.038 1.00 41.77  ? 7    ASP A N   1 
ATOM   45  C  CA  . ASP A 1 8  ? -7.793  1.117   -13.873 1.00 41.05  ? 7    ASP A CA  1 
ATOM   46  C  C   . ASP A 1 8  ? -7.319  0.427   -12.569 1.00 38.96  ? 7    ASP A C   1 
ATOM   47  O  O   . ASP A 1 8  ? -7.085  1.061   -11.504 1.00 35.54  ? 7    ASP A O   1 
ATOM   48  C  CB  . ASP A 1 8  ? -9.345  1.018   -13.837 1.00 42.60  ? 7    ASP A CB  1 
ATOM   49  C  CG  . ASP A 1 8  ? -10.111 1.820   -14.959 1.00 46.76  ? 7    ASP A CG  1 
ATOM   50  O  OD1 . ASP A 1 8  ? -9.506  2.549   -15.759 1.00 48.90  ? 7    ASP A OD1 1 
ATOM   51  O  OD2 . ASP A 1 8  ? -11.387 1.704   -15.070 1.00 49.62  ? 7    ASP A OD2 1 
ATOM   52  N  N   . LYS A 1 9  ? -7.230  -0.902  -12.567 1.00 36.28  ? 8    LYS A N   1 
ATOM   53  C  CA  . LYS A 1 9  ? -6.669  -1.558  -11.385 1.00 35.12  ? 8    LYS A CA  1 
ATOM   54  C  C   . LYS A 1 9  ? -5.230  -1.252  -11.117 1.00 31.95  ? 8    LYS A C   1 
ATOM   55  O  O   . LYS A 1 9  ? -4.868  -1.052  -9.949  1.00 33.19  ? 8    LYS A O   1 
ATOM   56  C  CB  . LYS A 1 9  ? -6.778  -3.118  -11.522 1.00 35.55  ? 8    LYS A CB  1 
ATOM   57  C  CG  . LYS A 1 9  ? -6.554  -3.872  -10.202 1.00 38.39  ? 8    LYS A CG  1 
ATOM   58  C  CD  . LYS A 1 9  ? -7.441  -3.546  -8.982  1.00 40.11  ? 8    LYS A CD  1 
ATOM   59  C  CE  . LYS A 1 9  ? -8.943  -3.261  -9.233  1.00 45.30  ? 8    LYS A CE  1 
ATOM   60  N  NZ  . LYS A 1 9  ? -9.623  -3.195  -7.933  1.00 44.61  ? 8    LYS A NZ  1 
ATOM   61  N  N   . GLY A 1 10 ? -4.424  -1.149  -12.177 1.00 32.40  ? 9    GLY A N   1 
ATOM   62  C  CA  . GLY A 1 10 ? -3.046  -0.692  -12.156 1.00 31.46  ? 9    GLY A CA  1 
ATOM   63  C  C   . GLY A 1 10 ? -2.886  0.664   -11.504 1.00 31.02  ? 9    GLY A C   1 
ATOM   64  O  O   . GLY A 1 10 ? -2.060  0.904   -10.636 1.00 30.54  ? 9    GLY A O   1 
ATOM   65  N  N   . GLU A 1 11 ? -3.757  1.572   -11.919 1.00 30.18  ? 10   GLU A N   1 
ATOM   66  C  CA  . GLU A 1 11 ? -3.818  2.885   -11.314 1.00 30.77  ? 10   GLU A CA  1 
ATOM   67  C  C   . GLU A 1 11 ? -4.075  2.842   -9.865  1.00 27.14  ? 10   GLU A C   1 
ATOM   68  O  O   . GLU A 1 11 ? -3.460  3.572   -9.111  1.00 27.91  ? 10   GLU A O   1 
ATOM   69  C  CB  . GLU A 1 11 ? -4.944  3.692   -11.996 1.00 34.17  ? 10   GLU A CB  1 
ATOM   70  C  CG  . GLU A 1 11 ? -4.642  3.922   -13.435 1.00 35.90  ? 10   GLU A CG  1 
ATOM   71  C  CD  . GLU A 1 11 ? -5.653  4.852   -14.085 1.00 47.89  ? 10   GLU A CD  1 
ATOM   72  O  OE1 . GLU A 1 11 ? -6.808  4.916   -13.570 1.00 51.95  ? 10   GLU A OE1 1 
ATOM   73  O  OE2 . GLU A 1 11 ? -5.221  5.559   -15.055 1.00 46.23  ? 10   GLU A OE2 1 
ATOM   74  N  N   . GLU A 1 12 ? -5.053  2.059   -9.396  1.00 29.41  ? 11   GLU A N   1 
ATOM   75  C  CA  . GLU A 1 12 ? -5.375  1.936   -7.986  1.00 31.04  ? 11   GLU A CA  1 
ATOM   76  C  C   . GLU A 1 12 ? -4.222  1.349   -7.146  1.00 30.06  ? 11   GLU A C   1 
ATOM   77  O  O   . GLU A 1 12 ? -3.863  1.863   -6.086  1.00 28.44  ? 11   GLU A O   1 
ATOM   78  C  CB  . GLU A 1 12 ? -6.580  1.036   -7.867  1.00 32.27  ? 11   GLU A CB  1 
ATOM   79  C  CG  . GLU A 1 12 ? -7.031  0.935   -6.454  1.00 36.18  ? 11   GLU A CG  1 
ATOM   80  C  CD  . GLU A 1 12 ? -8.261  0.042   -6.343  1.00 40.88  ? 11   GLU A CD  1 
ATOM   81  O  OE1 . GLU A 1 12 ? -8.698  -0.529  -7.364  1.00 44.45  ? 11   GLU A OE1 1 
ATOM   82  O  OE2 . GLU A 1 12 ? -8.730  -0.022  -5.214  1.00 41.91  ? 11   GLU A OE2 1 
ATOM   83  N  N   . ILE A 1 13 ? -3.607  0.313   -7.739  1.00 30.09  ? 12   ILE A N   1 
ATOM   84  C  CA  . ILE A 1 13 ? -2.423  -0.236  -7.131  1.00 28.49  ? 12   ILE A CA  1 
ATOM   85  C  C   . ILE A 1 13 ? -1.304  0.749   -6.928  1.00 24.31  ? 12   ILE A C   1 
ATOM   86  O  O   . ILE A 1 13 ? -0.708  0.898   -5.865  1.00 24.96  ? 12   ILE A O   1 
ATOM   87  C  CB  . ILE A 1 13 ? -1.951  -1.501  -7.881  1.00 28.49  ? 12   ILE A CB  1 
ATOM   88  C  CG1 . ILE A 1 13 ? -2.963  -2.656  -7.732  1.00 32.49  ? 12   ILE A CG1 1 
ATOM   89  C  CG2 . ILE A 1 13 ? -0.464  -1.879  -7.470  1.00 28.86  ? 12   ILE A CG2 1 
ATOM   90  C  CD1 . ILE A 1 13 ? -2.720  -3.698  -8.840  1.00 34.05  ? 12   ILE A CD1 1 
ATOM   91  N  N   . LEU A 1 14 ? -0.980  1.509   -7.970  1.00 26.03  ? 13   LEU A N   1 
ATOM   92  C  CA  . LEU A 1 14 ? 0.004   2.559   -7.882  1.00 26.69  ? 13   LEU A CA  1 
ATOM   93  C  C   . LEU A 1 14 ? -0.282  3.540   -6.819  1.00 24.69  ? 13   LEU A C   1 
ATOM   94  O  O   . LEU A 1 14 ? 0.606   4.025   -6.114  1.00 24.07  ? 13   LEU A O   1 
ATOM   95  C  CB  . LEU A 1 14 ? 0.254   3.141   -9.266  1.00 28.86  ? 13   LEU A CB  1 
ATOM   96  C  CG  . LEU A 1 14 ? 1.357   4.108   -9.457  1.00 31.09  ? 13   LEU A CG  1 
ATOM   97  C  CD1 . LEU A 1 14 ? 2.706   3.530   -9.088  1.00 34.07  ? 13   LEU A CD1 1 
ATOM   98  C  CD2 . LEU A 1 14 ? 1.389   4.726   -10.896 1.00 32.90  ? 13   LEU A CD2 1 
ATOM   99  N  N   . SER A 1 15 ? -1.576  3.949   -6.736  1.00 25.92  ? 14   SER A N   1 
ATOM   100 C  CA  . SER A 1 15 ? -1.964  4.856   -5.689  1.00 25.11  ? 14   SER A CA  1 
ATOM   101 C  C   . SER A 1 15 ? -1.716  4.411   -4.256  1.00 23.83  ? 14   SER A C   1 
ATOM   102 O  O   . SER A 1 15 ? -1.218  5.180   -3.376  1.00 24.06  ? 14   SER A O   1 
ATOM   103 C  CB  . SER A 1 15 ? -3.393  5.328   -5.932  1.00 28.09  ? 14   SER A CB  1 
ATOM   104 O  OG  . SER A 1 15 ? -3.674  6.327   -5.024  1.00 32.10  ? 14   SER A OG  1 
ATOM   105 N  N   . LYS A 1 16 ? -1.947  3.089   -4.013  1.00 25.05  ? 15   LYS A N   1 
ATOM   106 C  CA  . LYS A 1 16 ? -1.554  2.500   -2.748  1.00 26.18  ? 15   LYS A CA  1 
ATOM   107 C  C   . LYS A 1 16 ? -0.055  2.482   -2.454  1.00 24.68  ? 15   LYS A C   1 
ATOM   108 O  O   . LYS A 1 16 ? 0.394   2.778   -1.387  1.00 24.90  ? 15   LYS A O   1 
ATOM   109 C  CB  . LYS A 1 16 ? -2.111  1.120   -2.570  1.00 26.36  ? 15   LYS A CB  1 
ATOM   110 C  CG  . LYS A 1 16 ? -3.566  0.877   -2.793  1.00 36.13  ? 15   LYS A CG  1 
ATOM   111 C  CD  . LYS A 1 16 ? -4.405  1.775   -2.153  1.00 39.28  ? 15   LYS A CD  1 
ATOM   112 C  CE  . LYS A 1 16 ? -5.818  1.078   -1.919  1.00 50.87  ? 15   LYS A CE  1 
ATOM   113 N  NZ  . LYS A 1 16 ? -6.882  2.008   -2.166  1.00 53.58  ? 15   LYS A NZ  1 
ATOM   114 N  N   . LEU A 1 17 ? 0.760   2.282   -3.497  1.00 26.48  ? 16   LEU A N   1 
ATOM   115 C  CA  . LEU A 1 17 ? 2.199   2.353   -3.375  1.00 25.81  ? 16   LEU A CA  1 
ATOM   116 C  C   . LEU A 1 17 ? 2.652   3.745   -3.031  1.00 24.36  ? 16   LEU A C   1 
ATOM   117 O  O   . LEU A 1 17 ? 3.540   3.931   -2.208  1.00 25.28  ? 16   LEU A O   1 
ATOM   118 C  CB  . LEU A 1 17 ? 2.796   1.797   -4.678  1.00 24.63  ? 16   LEU A CB  1 
ATOM   119 C  CG  . LEU A 1 17 ? 2.522   0.294   -4.891  1.00 25.79  ? 16   LEU A CG  1 
ATOM   120 C  CD1 . LEU A 1 17 ? 3.143   -0.146  -6.234  1.00 30.80  ? 16   LEU A CD1 1 
ATOM   121 C  CD2 . LEU A 1 17 ? 3.087   -0.547  -3.824  1.00 29.78  ? 16   LEU A CD2 1 
ATOM   122 N  N   . TYR A 1 18 ? 2.028   4.825   -3.580  1.00 25.99  ? 17   TYR A N   1 
ATOM   123 C  CA  . TYR A 1 18 ? 2.384   6.134   -3.152  1.00 24.99  ? 17   TYR A CA  1 
ATOM   124 C  C   . TYR A 1 18 ? 2.052   6.395   -1.697  1.00 24.79  ? 17   TYR A C   1 
ATOM   125 O  O   . TYR A 1 18 ? 2.803   7.050   -0.996  1.00 27.32  ? 17   TYR A O   1 
ATOM   126 C  CB  . TYR A 1 18 ? 1.720   7.222   -4.096  1.00 27.50  ? 17   TYR A CB  1 
ATOM   127 C  CG  . TYR A 1 18 ? 2.417   7.467   -5.388  1.00 25.41  ? 17   TYR A CG  1 
ATOM   128 C  CD1 . TYR A 1 18 ? 3.644   8.149   -5.377  1.00 29.72  ? 17   TYR A CD1 1 
ATOM   129 C  CD2 . TYR A 1 18 ? 1.821   7.184   -6.584  1.00 23.66  ? 17   TYR A CD2 1 
ATOM   130 C  CE1 . TYR A 1 18 ? 4.230   8.473   -6.605  1.00 31.00  ? 17   TYR A CE1 1 
ATOM   131 C  CE2 . TYR A 1 18 ? 2.426   7.454   -7.816  1.00 29.16  ? 17   TYR A CE2 1 
ATOM   132 C  CZ  . TYR A 1 18 ? 3.660   8.130   -7.748  1.00 29.72  ? 17   TYR A CZ  1 
ATOM   133 O  OH  . TYR A 1 18 ? 4.341   8.447   -8.926  1.00 34.86  ? 17   TYR A OH  1 
ATOM   134 N  N   . HIS A 1 19 ? 0.900   5.919   -1.267  1.00 27.58  ? 18   HIS A N   1 
ATOM   135 C  CA  . HIS A 1 19 ? 0.511   5.984   0.110   1.00 28.08  ? 18   HIS A CA  1 
ATOM   136 C  C   . HIS A 1 19 ? 1.521   5.318   1.045   1.00 27.27  ? 18   HIS A C   1 
ATOM   137 O  O   . HIS A 1 19 ? 1.972   5.877   2.050   1.00 27.89  ? 18   HIS A O   1 
ATOM   138 C  CB  . HIS A 1 19 ? -0.857  5.340   0.323   1.00 30.35  ? 18   HIS A CB  1 
ATOM   139 C  CG  . HIS A 1 19 ? -1.336  5.580   1.709   1.00 34.16  ? 18   HIS A CG  1 
ATOM   140 N  ND1 . HIS A 1 19 ? -1.219  4.684   2.734   1.00 32.94  ? 18   HIS A ND1 1 
ATOM   141 C  CD2 . HIS A 1 19 ? -1.834  6.715   2.263   1.00 40.56  ? 18   HIS A CD2 1 
ATOM   142 C  CE1 . HIS A 1 19 ? -1.690  5.199   3.842   1.00 31.70  ? 18   HIS A CE1 1 
ATOM   143 N  NE2 . HIS A 1 19 ? -2.031  6.458   3.589   1.00 44.83  ? 18   HIS A NE2 1 
ATOM   144 N  N   . ILE A 1 20 ? 1.972   4.093   0.654   1.00 26.63  ? 19   ILE A N   1 
ATOM   145 C  CA  . ILE A 1 20 ? 3.027   3.399   1.370   1.00 25.57  ? 19   ILE A CA  1 
ATOM   146 C  C   . ILE A 1 20 ? 4.320   4.221   1.459   1.00 25.39  ? 19   ILE A C   1 
ATOM   147 O  O   . ILE A 1 20 ? 4.936   4.264   2.453   1.00 27.05  ? 19   ILE A O   1 
ATOM   148 C  CB  . ILE A 1 20 ? 3.209   1.964   0.767   1.00 25.79  ? 19   ILE A CB  1 
ATOM   149 C  CG1 . ILE A 1 20 ? 1.966   1.119   1.053   1.00 26.84  ? 19   ILE A CG1 1 
ATOM   150 C  CG2 . ILE A 1 20 ? 4.487   1.370   1.202   1.00 24.99  ? 19   ILE A CG2 1 
ATOM   151 C  CD1 . ILE A 1 20 ? 1.792   -0.119  0.286   1.00 26.32  ? 19   ILE A CD1 1 
ATOM   152 N  N   . GLU A 1 21 ? 4.693   4.847   0.334   1.00 28.19  ? 20   GLU A N   1 
ATOM   153 C  CA  . GLU A 1 21 ? 5.889   5.688   0.326   1.00 29.86  ? 20   GLU A CA  1 
ATOM   154 C  C   . GLU A 1 21 ? 5.713   6.856   1.287   1.00 29.30  ? 20   GLU A C   1 
ATOM   155 O  O   . GLU A 1 21 ? 6.687   7.238   1.927   1.00 29.98  ? 20   GLU A O   1 
ATOM   156 C  CB  . GLU A 1 21 ? 6.147   6.198   -1.085  1.00 30.54  ? 20   GLU A CB  1 
ATOM   157 C  CG  . GLU A 1 21 ? 6.778   5.100   -1.926  1.00 34.14  ? 20   GLU A CG  1 
ATOM   158 C  CD  . GLU A 1 21 ? 7.355   5.519   -3.209  1.00 47.50  ? 20   GLU A CD  1 
ATOM   159 O  OE1 . GLU A 1 21 ? 6.829   6.530   -3.795  1.00 50.95  ? 20   GLU A OE1 1 
ATOM   160 O  OE2 . GLU A 1 21 ? 8.267   4.735   -3.606  1.00 43.03  ? 20   GLU A OE2 1 
ATOM   161 N  N   . ASN A 1 22 ? 4.526   7.421   1.362   1.00 28.59  ? 21   ASN A N   1 
ATOM   162 C  CA  . ASN A 1 22 ? 4.354   8.495   2.335   1.00 31.06  ? 21   ASN A CA  1 
ATOM   163 C  C   . ASN A 1 22 ? 4.469   8.017   3.760   1.00 29.23  ? 21   ASN A C   1 
ATOM   164 O  O   . ASN A 1 22 ? 5.026   8.721   4.600   1.00 30.39  ? 21   ASN A O   1 
ATOM   165 C  CB  . ASN A 1 22 ? 3.019   9.228   2.128   1.00 32.07  ? 21   ASN A CB  1 
ATOM   166 C  CG  . ASN A 1 22 ? 2.939   9.964   0.798   1.00 35.45  ? 21   ASN A CG  1 
ATOM   167 O  OD1 . ASN A 1 22 ? 3.993   10.454  0.250   1.00 36.41  ? 21   ASN A OD1 1 
ATOM   168 N  ND2 . ASN A 1 22 ? 1.711   10.137  0.299   1.00 41.28  ? 21   ASN A ND2 1 
ATOM   169 N  N   . GLU A 1 23 ? 3.975   6.828   4.059   1.00 28.29  ? 22   GLU A N   1 
ATOM   170 C  CA  . GLU A 1 23 ? 4.099   6.241   5.359   1.00 26.77  ? 22   GLU A CA  1 
ATOM   171 C  C   . GLU A 1 23 ? 5.572   6.055   5.758   1.00 28.16  ? 22   GLU A C   1 
ATOM   172 O  O   . GLU A 1 23 ? 6.057   6.306   6.861   1.00 29.07  ? 22   GLU A O   1 
ATOM   173 C  CB  . GLU A 1 23 ? 3.352   4.921   5.493   1.00 28.74  ? 22   GLU A CB  1 
ATOM   174 C  CG  . GLU A 1 23 ? 1.843   4.987   5.358   1.00 29.29  ? 22   GLU A CG  1 
ATOM   175 C  CD  . GLU A 1 23 ? 1.159   3.658   5.455   1.00 29.29  ? 22   GLU A CD  1 
ATOM   176 O  OE1 . GLU A 1 23 ? 1.083   2.950   4.447   1.00 29.72  ? 22   GLU A OE1 1 
ATOM   177 O  OE2 . GLU A 1 23 ? 0.707   3.226   6.582   1.00 29.81  ? 22   GLU A OE2 1 
ATOM   178 N  N   . LEU A 1 24 ? 6.326   5.525   4.798   1.00 27.92  ? 23   LEU A N   1 
ATOM   179 C  CA  . LEU A 1 24 ? 7.705   5.258   4.997   1.00 28.34  ? 23   LEU A CA  1 
ATOM   180 C  C   . LEU A 1 24 ? 8.477   6.590   5.255   1.00 30.23  ? 23   LEU A C   1 
ATOM   181 O  O   . LEU A 1 24 ? 9.393   6.587   6.088   1.00 33.69  ? 23   LEU A O   1 
ATOM   182 C  CB  . LEU A 1 24 ? 8.303   4.558   3.742   1.00 29.53  ? 23   LEU A CB  1 
ATOM   183 C  CG  . LEU A 1 24 ? 7.970   3.092   3.739   1.00 30.68  ? 23   LEU A CG  1 
ATOM   184 C  CD1 . LEU A 1 24 ? 8.233   2.402   2.328   1.00 32.04  ? 23   LEU A CD1 1 
ATOM   185 C  CD2 . LEU A 1 24 ? 8.621   2.364   4.903   1.00 36.86  ? 23   LEU A CD2 1 
ATOM   186 N  N   . ALA A 1 25 ? 8.120   7.622   4.513   1.00 31.50  ? 24   ALA A N   1 
ATOM   187 C  CA  . ALA A 1 25 ? 8.778   8.966   4.645   1.00 33.77  ? 24   ALA A CA  1 
ATOM   188 C  C   . ALA A 1 25 ? 8.622   9.381   6.105   1.00 34.78  ? 24   ALA A C   1 
ATOM   189 O  O   . ALA A 1 25 ? 9.571   9.808   6.796   1.00 37.18  ? 24   ALA A O   1 
ATOM   190 C  CB  . ALA A 1 25 ? 8.135   9.979   3.689   1.00 35.52  ? 24   ALA A CB  1 
ATOM   191 N  N   . ARG A 1 26 ? 7.433   9.243   6.638   1.00 34.33  ? 25   ARG A N   1 
ATOM   192 C  CA  . ARG A 1 26 ? 7.167   9.542   8.082   1.00 35.70  ? 25   ARG A CA  1 
ATOM   193 C  C   . ARG A 1 26 ? 7.951   8.685   9.074   1.00 37.53  ? 25   ARG A C   1 
ATOM   194 O  O   . ARG A 1 26 ? 8.527   9.181   10.052  1.00 37.40  ? 25   ARG A O   1 
ATOM   195 C  CB  . ARG A 1 26 ? 5.643   9.524   8.360   1.00 37.54  ? 25   ARG A CB  1 
ATOM   196 C  CG  . ARG A 1 26 ? 4.854   10.551  7.697   1.00 43.36  ? 25   ARG A CG  1 
ATOM   197 C  CD  . ARG A 1 26 ? 3.346   10.448  7.886   1.00 54.57  ? 25   ARG A CD  1 
ATOM   198 N  NE  . ARG A 1 26 ? 2.638   10.981  6.697   1.00 61.27  ? 25   ARG A NE  1 
ATOM   199 C  CZ  . ARG A 1 26 ? 1.794   10.301  5.878   1.00 63.32  ? 25   ARG A CZ  1 
ATOM   200 N  NH1 . ARG A 1 26 ? 1.485   8.995   6.065   1.00 62.00  ? 25   ARG A NH1 1 
ATOM   201 N  NH2 . ARG A 1 26 ? 1.264   10.963  4.834   1.00 68.56  ? 25   ARG A NH2 1 
ATOM   202 N  N   . ILE A 1 27 ? 8.064   7.379   8.790   1.00 33.16  ? 26   ILE A N   1 
ATOM   203 C  CA  . ILE A 1 27 ? 8.705   6.459   9.652   1.00 33.52  ? 26   ILE A CA  1 
ATOM   204 C  C   . ILE A 1 27 ? 10.201  6.702   9.654   1.00 34.40  ? 26   ILE A C   1 
ATOM   205 O  O   . ILE A 1 27 ? 10.821  6.656   10.769  1.00 37.97  ? 26   ILE A O   1 
ATOM   206 C  CB  . ILE A 1 27 ? 8.379   5.015   9.193   1.00 32.26  ? 26   ILE A CB  1 
ATOM   207 C  CG1 . ILE A 1 27 ? 7.014   4.623   9.638   1.00 30.42  ? 26   ILE A CG1 1 
ATOM   208 C  CG2 . ILE A 1 27 ? 9.482   4.114   9.662   1.00 34.51  ? 26   ILE A CG2 1 
ATOM   209 C  CD1 . ILE A 1 27 ? 6.390   3.413   8.900   1.00 31.19  ? 26   ILE A CD1 1 
ATOM   210 N  N   . LYS A 1 28 ? 10.760  7.052   8.490   1.00 36.76  ? 27   LYS A N   1 
ATOM   211 C  CA  . LYS A 1 28 ? 12.212  7.353   8.359   1.00 37.56  ? 27   LYS A CA  1 
ATOM   212 C  C   . LYS A 1 28 ? 12.574  8.596   9.255   1.00 42.96  ? 27   LYS A C   1 
ATOM   213 O  O   . LYS A 1 28 ? 13.593  8.612   9.951   1.00 43.57  ? 27   LYS A O   1 
ATOM   214 C  CB  . LYS A 1 28 ? 12.614  7.571   6.894   1.00 41.06  ? 27   LYS A CB  1 
ATOM   215 C  CG  . LYS A 1 28 ? 12.686  6.288   6.085   1.00 42.13  ? 27   LYS A CG  1 
ATOM   216 C  CD  . LYS A 1 28 ? 12.548  6.477   4.549   1.00 48.50  ? 27   LYS A CD  1 
ATOM   217 C  CE  . LYS A 1 28 ? 13.770  7.151   3.932   1.00 52.39  ? 27   LYS A CE  1 
ATOM   218 N  NZ  . LYS A 1 28 ? 13.518  7.467   2.481   1.00 52.69  ? 27   LYS A NZ  1 
ATOM   219 N  N   . LYS A 1 29 ? 11.689  9.579   9.294   1.00 43.45  ? 28   LYS A N   1 
ATOM   220 C  CA  . LYS A 1 29 ? 11.894  10.746  10.152  1.00 47.02  ? 28   LYS A CA  1 
ATOM   221 C  C   . LYS A 1 29 ? 11.734  10.390  11.620  1.00 48.35  ? 28   LYS A C   1 
ATOM   222 O  O   . LYS A 1 29 ? 12.538  10.851  12.470  1.00 49.69  ? 28   LYS A O   1 
ATOM   223 C  CB  . LYS A 1 29 ? 10.943  11.883  9.735   1.00 47.53  ? 28   LYS A CB  1 
ATOM   224 C  CG  . LYS A 1 29 ? 11.270  12.504  8.309   1.00 53.80  ? 28   LYS A CG  1 
ATOM   225 C  CD  . LYS A 1 29 ? 10.134  13.374  7.642   1.00 57.89  ? 28   LYS A CD  1 
ATOM   226 C  CE  . LYS A 1 29 ? 10.557  14.102  6.341   1.00 59.63  ? 28   LYS A CE  1 
ATOM   227 N  NZ  . LYS A 1 29 ? 9.900   13.654  5.060   1.00 60.78  ? 28   LYS A NZ  1 
ATOM   228 N  N   . LEU A 1 30 ? 10.730  9.600   11.980  1.00 47.69  ? 29   LEU A N   1 
ATOM   229 C  CA  . LEU A 1 30 ? 10.591  9.145   13.365  1.00 48.64  ? 29   LEU A CA  1 
ATOM   230 C  C   . LEU A 1 30 ? 11.869  8.451   13.854  1.00 50.10  ? 29   LEU A C   1 
ATOM   231 O  O   . LEU A 1 30 ? 12.232  8.539   15.037  1.00 49.82  ? 29   LEU A O   1 
ATOM   232 C  CB  . LEU A 1 30 ? 9.392   8.243   13.541  1.00 48.72  ? 29   LEU A CB  1 
ATOM   233 C  CG  . LEU A 1 30 ? 8.058   8.987   13.477  1.00 48.39  ? 29   LEU A CG  1 
ATOM   234 C  CD1 . LEU A 1 30 ? 6.879   8.003   13.327  1.00 50.92  ? 29   LEU A CD1 1 
ATOM   235 C  CD2 . LEU A 1 30 ? 7.872   9.879   14.732  1.00 51.14  ? 29   LEU A CD2 1 
ATOM   236 N  N   . LEU A 1 31 ? 12.569  7.807   12.923  1.00 50.49  ? 30   LEU A N   1 
ATOM   237 C  CA  . LEU A 1 31 ? 13.737  6.993   13.219  1.00 51.55  ? 30   LEU A CA  1 
ATOM   238 C  C   . LEU A 1 31 ? 14.992  7.848   12.987  1.00 53.57  ? 30   LEU A C   1 
ATOM   239 O  O   . LEU A 1 31 ? 16.129  7.362   12.865  1.00 55.34  ? 30   LEU A O   1 
ATOM   240 C  CB  . LEU A 1 31 ? 13.732  5.733   12.350  1.00 50.35  ? 30   LEU A CB  1 
ATOM   241 C  CG  . LEU A 1 31 ? 12.629  4.674   12.602  1.00 46.09  ? 30   LEU A CG  1 
ATOM   242 C  CD1 . LEU A 1 31 ? 12.894  3.582   11.567  1.00 45.95  ? 30   LEU A CD1 1 
ATOM   243 C  CD2 . LEU A 1 31 ? 12.617  4.040   13.967  1.00 46.10  ? 30   LEU A CD2 1 
ATOM   244 N  N   . GLY A 1 32 ? 14.794  9.131   12.877  1.00 54.12  ? 31   GLY A N   1 
ATOM   245 C  CA  . GLY A 1 32 ? 15.899  9.994   12.603  1.00 54.68  ? 31   GLY A CA  1 
ATOM   246 C  C   . GLY A 1 32 ? 16.719  9.697   11.374  1.00 55.78  ? 31   GLY A C   1 
ATOM   247 O  O   . GLY A 1 32 ? 17.798  10.256  11.236  1.00 55.12  ? 31   GLY A O   1 
ATOM   248 N  N   . GLU A 1 33 ? 16.283  8.850   10.456  1.00 56.68  ? 32   GLU A N   1 
ATOM   249 C  CA  . GLU A 1 33 ? 17.040  8.758   9.201   1.00 57.53  ? 32   GLU A CA  1 
ATOM   250 C  C   . GLU A 1 33 ? 17.068  10.100  8.490   1.00 58.89  ? 32   GLU A C   1 
ATOM   251 O  O   . GLU A 1 33 ? 17.613  10.229  7.371   1.00 59.61  ? 32   GLU A O   1 
ATOM   252 C  CB  . GLU A 1 33 ? 16.455  7.719   8.254   1.00 58.94  ? 32   GLU A CB  1 
ATOM   253 C  CG  . GLU A 1 33 ? 17.115  6.346   8.316   1.00 59.60  ? 32   GLU A CG  1 
ATOM   254 C  CD  . GLU A 1 33 ? 16.154  5.174   7.920   1.00 61.29  ? 32   GLU A CD  1 
ATOM   255 O  OE1 . GLU A 1 33 ? 16.038  4.888   6.640   1.00 45.13  ? 32   GLU A OE1 1 
ATOM   256 O  OE2 . GLU A 1 33 ? 15.570  4.547   8.912   1.00 57.69  ? 32   GLU A OE2 1 
ATOM   257 N  N   . MET B 1 3  ? -9.535  -13.254 -17.638 1.00 61.32  ? 2    MET B N   1 
ATOM   258 C  CA  . MET B 1 3  ? -9.812  -12.061 -16.826 1.00 60.13  ? 2    MET B CA  1 
ATOM   259 C  C   . MET B 1 3  ? -10.314 -12.400 -15.432 1.00 60.56  ? 2    MET B C   1 
ATOM   260 O  O   . MET B 1 3  ? -9.978  -11.708 -14.484 1.00 60.24  ? 2    MET B O   1 
ATOM   261 C  CB  . MET B 1 3  ? -10.704 -11.019 -17.543 1.00 61.48  ? 2    MET B CB  1 
ATOM   262 C  CG  . MET B 1 3  ? -10.075 -9.559  -17.571 1.00 59.75  ? 2    MET B CG  1 
ATOM   263 S  SD  . MET B 1 3  ? -10.901 -8.582  -16.338 1.00 72.76  ? 2    MET B SD  1 
ATOM   264 C  CE  . MET B 1 3  ? -12.099 -7.538  -17.394 1.00 68.03  ? 2    MET B CE  1 
ATOM   265 N  N   . LYS B 1 4  ? -11.066 -13.478 -15.244 1.00 60.42  ? 3    LYS B N   1 
ATOM   266 C  CA  . LYS B 1 4  ? -11.471 -13.860 -13.866 1.00 59.86  ? 3    LYS B CA  1 
ATOM   267 C  C   . LYS B 1 4  ? -10.215 -14.132 -12.982 1.00 58.91  ? 3    LYS B C   1 
ATOM   268 O  O   . LYS B 1 4  ? -10.177 -13.786 -11.779 1.00 58.08  ? 3    LYS B O   1 
ATOM   269 C  CB  . LYS B 1 4  ? -12.453 -15.056 -13.917 1.00 60.29  ? 3    LYS B CB  1 
ATOM   270 C  CG  . LYS B 1 4  ? -12.785 -15.748 -12.589 1.00 62.03  ? 3    LYS B CG  1 
ATOM   271 C  CD  . LYS B 1 4  ? -13.641 -14.854 -11.646 1.00 66.76  ? 3    LYS B CD  1 
ATOM   272 C  CE  . LYS B 1 4  ? -15.190 -15.115 -11.722 1.00 66.63  ? 3    LYS B CE  1 
ATOM   273 N  NZ  . LYS B 1 4  ? -15.903 -13.928 -11.139 1.00 65.68  ? 3    LYS B NZ  1 
ATOM   274 N  N   . GLN B 1 5  ? -9.185  -14.741 -13.588 1.00 56.74  ? 4    GLN B N   1 
ATOM   275 C  CA  . GLN B 1 5  ? -7.918  -15.020 -12.896 1.00 56.01  ? 4    GLN B CA  1 
ATOM   276 C  C   . GLN B 1 5  ? -7.098  -13.755 -12.567 1.00 53.26  ? 4    GLN B C   1 
ATOM   277 O  O   . GLN B 1 5  ? -6.504  -13.640 -11.503 1.00 52.02  ? 4    GLN B O   1 
ATOM   278 C  CB  . GLN B 1 5  ? -7.040  -15.920 -13.764 1.00 56.55  ? 4    GLN B CB  1 
ATOM   279 C  CG  . GLN B 1 5  ? -7.634  -17.320 -13.897 1.00 59.21  ? 4    GLN B CG  1 
ATOM   280 C  CD  . GLN B 1 5  ? -7.742  -17.964 -12.565 1.00 59.49  ? 4    GLN B CD  1 
ATOM   281 O  OE1 . GLN B 1 5  ? -6.769  -17.982 -11.845 1.00 65.55  ? 4    GLN B OE1 1 
ATOM   282 N  NE2 . GLN B 1 5  ? -8.935  -18.459 -12.204 1.00 66.68  ? 4    GLN B NE2 1 
ATOM   283 N  N   . ILE B 1 6  ? -7.014  -12.872 -13.535 1.00 52.28  ? 5    ILE B N   1 
ATOM   284 C  CA  . ILE B 1 6  ? -6.379  -11.564 -13.345 1.00 51.91  ? 5    ILE B CA  1 
ATOM   285 C  C   . ILE B 1 6  ? -7.098  -10.849 -12.163 1.00 50.62  ? 5    ILE B C   1 
ATOM   286 O  O   . ILE B 1 6  ? -6.457  -10.220 -11.315 1.00 47.37  ? 5    ILE B O   1 
ATOM   287 C  CB  . ILE B 1 6  ? -6.427  -10.763 -14.679 1.00 51.93  ? 5    ILE B CB  1 
ATOM   288 C  CG1 . ILE B 1 6  ? -5.494  -11.413 -15.705 1.00 52.86  ? 5    ILE B CG1 1 
ATOM   289 C  CG2 . ILE B 1 6  ? -6.023  -9.320  -14.533 1.00 53.26  ? 5    ILE B CG2 1 
ATOM   290 C  CD1 . ILE B 1 6  ? -5.514  -10.682 -17.030 1.00 56.65  ? 5    ILE B CD1 1 
ATOM   291 N  N   . GLU B 1 7  ? -8.415  -10.998 -12.111 1.00 49.28  ? 6    GLU B N   1 
ATOM   292 C  CA  . GLU B 1 7  ? -9.238  -10.391 -11.074 1.00 49.09  ? 6    GLU B CA  1 
ATOM   293 C  C   . GLU B 1 7  ? -8.933  -10.941 -9.733  1.00 47.25  ? 6    GLU B C   1 
ATOM   294 O  O   . GLU B 1 7  ? -8.920  -10.209 -8.746  1.00 44.46  ? 6    GLU B O   1 
ATOM   295 C  CB  . GLU B 1 7  ? -10.744 -10.598 -11.331 1.00 50.82  ? 6    GLU B CB  1 
ATOM   296 C  CG  . GLU B 1 7  ? -11.292 -9.709  -12.426 1.00 51.76  ? 6    GLU B CG  1 
ATOM   297 C  CD  . GLU B 1 7  ? -12.632 -10.190 -12.994 1.00 57.68  ? 6    GLU B CD  1 
ATOM   298 O  OE1 . GLU B 1 7  ? -13.243 -11.162 -12.459 1.00 59.43  ? 6    GLU B OE1 1 
ATOM   299 O  OE2 . GLU B 1 7  ? -13.044 -9.552  -13.989 1.00 57.87  ? 6    GLU B OE2 1 
ATOM   300 N  N   . ASP B 1 8  ? -8.689  -12.235 -9.682  1.00 45.24  ? 7    ASP B N   1 
ATOM   301 C  CA  . ASP B 1 8  ? -8.326  -12.841 -8.436  1.00 45.68  ? 7    ASP B CA  1 
ATOM   302 C  C   . ASP B 1 8  ? -6.920  -12.304 -8.040  1.00 43.95  ? 7    ASP B C   1 
ATOM   303 O  O   . ASP B 1 8  ? -6.682  -12.133 -6.833  1.00 40.99  ? 7    ASP B O   1 
ATOM   304 C  CB  . ASP B 1 8  ? -8.226  -14.351 -8.616  1.00 47.80  ? 7    ASP B CB  1 
ATOM   305 C  CG  . ASP B 1 8  ? -9.566  -15.005 -8.909  1.00 50.80  ? 7    ASP B CG  1 
ATOM   306 O  OD1 . ASP B 1 8  ? -10.672 -14.368 -8.755  1.00 58.37  ? 7    ASP B OD1 1 
ATOM   307 O  OD2 . ASP B 1 8  ? -9.574  -16.183 -9.297  1.00 56.30  ? 7    ASP B OD2 1 
ATOM   308 N  N   . LYS B 1 9  ? -5.979  -12.208 -8.995  1.00 43.67  ? 8    LYS B N   1 
ATOM   309 C  CA  . LYS B 1 9  ? -4.634  -11.647 -8.670  1.00 41.64  ? 8    LYS B CA  1 
ATOM   310 C  C   . LYS B 1 9  ? -4.747  -10.171 -8.235  1.00 40.10  ? 8    LYS B C   1 
ATOM   311 O  O   . LYS B 1 9  ? -4.202  -9.818  -7.188  1.00 34.88  ? 8    LYS B O   1 
ATOM   312 C  CB  . LYS B 1 9  ? -3.512  -11.835 -9.750  1.00 44.24  ? 8    LYS B CB  1 
ATOM   313 C  CG  . LYS B 1 9  ? -3.140  -13.360 -10.005 1.00 52.75  ? 8    LYS B CG  1 
ATOM   314 C  CD  . LYS B 1 9  ? -2.525  -14.121 -8.786  1.00 58.02  ? 8    LYS B CD  1 
ATOM   315 C  CE  . LYS B 1 9  ? -2.863  -15.644 -8.705  1.00 63.52  ? 8    LYS B CE  1 
ATOM   316 N  NZ  . LYS B 1 9  ? -4.302  -15.940 -8.149  1.00 66.22  ? 8    LYS B NZ  1 
ATOM   317 N  N   . GLY B 1 10 ? -5.587  -9.374  -8.903  1.00 39.70  ? 9    GLY B N   1 
ATOM   318 C  CA  . GLY B 1 10 ? -5.902  -7.965  -8.473  1.00 38.95  ? 9    GLY B CA  1 
ATOM   319 C  C   . GLY B 1 10 ? -6.407  -7.880  -7.054  1.00 38.61  ? 9    GLY B C   1 
ATOM   320 O  O   . GLY B 1 10 ? -5.942  -7.080  -6.281  1.00 37.25  ? 9    GLY B O   1 
ATOM   321 N  N   . GLU B 1 11 ? -7.325  -8.748  -6.653  1.00 38.84  ? 10   GLU B N   1 
ATOM   322 C  CA  . GLU B 1 11 ? -7.836  -8.838  -5.270  1.00 39.98  ? 10   GLU B CA  1 
ATOM   323 C  C   . GLU B 1 11 ? -6.798  -9.236  -4.197  1.00 38.63  ? 10   GLU B C   1 
ATOM   324 O  O   . GLU B 1 11 ? -6.758  -8.683  -3.120  1.00 37.82  ? 10   GLU B O   1 
ATOM   325 C  CB  . GLU B 1 11 ? -8.907  -9.914  -5.201  1.00 40.26  ? 10   GLU B CB  1 
ATOM   326 C  CG  . GLU B 1 11 ? -10.228 -9.555  -5.824  1.00 46.83  ? 10   GLU B CG  1 
ATOM   327 C  CD  . GLU B 1 11 ? -11.148 -10.776 -6.151  1.00 50.22  ? 10   GLU B CD  1 
ATOM   328 O  OE1 . GLU B 1 11 ? -10.759 -11.957 -6.094  1.00 54.94  ? 10   GLU B OE1 1 
ATOM   329 O  OE2 . GLU B 1 11 ? -12.322 -10.538 -6.444  1.00 62.79  ? 10   GLU B OE2 1 
ATOM   330 N  N   . GLU B 1 12 ? -5.917  -10.202 -4.565  1.00 35.97  ? 11   GLU B N   1 
ATOM   331 C  CA  . GLU B 1 12 ? -4.929  -10.674 -3.687  1.00 34.89  ? 11   GLU B CA  1 
ATOM   332 C  C   . GLU B 1 12 ? -3.898  -9.536  -3.489  1.00 32.06  ? 11   GLU B C   1 
ATOM   333 O  O   . GLU B 1 12 ? -3.405  -9.354  -2.412  1.00 30.27  ? 11   GLU B O   1 
ATOM   334 C  CB  . GLU B 1 12 ? -4.198  -11.776 -4.349  1.00 37.77  ? 11   GLU B CB  1 
ATOM   335 C  CG  . GLU B 1 12 ? -4.948  -13.062 -4.476  1.00 41.36  ? 11   GLU B CG  1 
ATOM   336 C  CD  . GLU B 1 12 ? -3.878  -14.082 -4.721  1.00 47.06  ? 11   GLU B CD  1 
ATOM   337 O  OE1 . GLU B 1 12 ? -3.681  -14.380 -5.892  1.00 49.39  ? 11   GLU B OE1 1 
ATOM   338 O  OE2 . GLU B 1 12 ? -3.134  -14.418 -3.737  1.00 55.10  ? 11   GLU B OE2 1 
ATOM   339 N  N   . ILE B 1 13 ? -3.566  -8.904  -4.557  1.00 31.12  ? 12   ILE B N   1 
ATOM   340 C  CA  . ILE B 1 13 ? -2.623  -7.760  -4.480  1.00 30.10  ? 12   ILE B CA  1 
ATOM   341 C  C   . ILE B 1 13 ? -3.149  -6.619  -3.627  1.00 30.86  ? 12   ILE B C   1 
ATOM   342 O  O   . ILE B 1 13 ? -2.486  -6.077  -2.776  1.00 27.40  ? 12   ILE B O   1 
ATOM   343 C  CB  . ILE B 1 13 ? -2.295  -7.211  -5.910  1.00 28.84  ? 12   ILE B CB  1 
ATOM   344 C  CG1 . ILE B 1 13 ? -1.468  -8.233  -6.683  1.00 31.25  ? 12   ILE B CG1 1 
ATOM   345 C  CG2 . ILE B 1 13 ? -1.566  -5.833  -5.860  1.00 29.66  ? 12   ILE B CG2 1 
ATOM   346 C  CD1 . ILE B 1 13 ? -1.349  -8.004  -8.069  1.00 29.33  ? 12   ILE B CD1 1 
ATOM   347 N  N   . LEU B 1 14 ? -4.386  -6.227  -3.870  1.00 31.50  ? 13   LEU B N   1 
ATOM   348 C  CA  . LEU B 1 14 ? -4.954  -5.116  -3.009  1.00 32.50  ? 13   LEU B CA  1 
ATOM   349 C  C   . LEU B 1 14 ? -5.038  -5.503  -1.584  1.00 32.87  ? 13   LEU B C   1 
ATOM   350 O  O   . LEU B 1 14 ? -4.729  -4.669  -0.716  1.00 32.63  ? 13   LEU B O   1 
ATOM   351 C  CB  . LEU B 1 14 ? -6.331  -4.588  -3.578  1.00 35.54  ? 13   LEU B CB  1 
ATOM   352 C  CG  . LEU B 1 14 ? -6.225  -3.815  -4.924  1.00 36.86  ? 13   LEU B CG  1 
ATOM   353 C  CD1 . LEU B 1 14 ? -7.776  -3.550  -5.236  1.00 46.16  ? 13   LEU B CD1 1 
ATOM   354 C  CD2 . LEU B 1 14 ? -5.462  -2.456  -5.117  1.00 41.61  ? 13   LEU B CD2 1 
ATOM   355 N  N   . SER B 1 15 ? -5.356  -6.758  -1.295  1.00 32.31  ? 14   SER B N   1 
ATOM   356 C  CA  . SER B 1 15 ? -5.388  -7.355  0.043   1.00 34.28  ? 14   SER B CA  1 
ATOM   357 C  C   . SER B 1 15 ? -4.080  -7.198  0.709   1.00 31.73  ? 14   SER B C   1 
ATOM   358 O  O   . SER B 1 15 ? -3.940  -6.802  1.864   1.00 32.31  ? 14   SER B O   1 
ATOM   359 C  CB  . SER B 1 15 ? -5.756  -8.858  -0.023  1.00 35.68  ? 14   SER B CB  1 
ATOM   360 O  OG  . SER B 1 15 ? -5.602  -9.481  1.290   1.00 45.92  ? 14   SER B OG  1 
ATOM   361 N  N   . LYS B 1 16 ? -3.053  -7.530  -0.024  1.00 30.32  ? 15   LYS B N   1 
ATOM   362 C  CA  . LYS B 1 16 ? -1.733  -7.391  0.554   1.00 28.14  ? 15   LYS B CA  1 
ATOM   363 C  C   . LYS B 1 16 ? -1.344  -5.941  0.748   1.00 25.16  ? 15   LYS B C   1 
ATOM   364 O  O   . LYS B 1 16 ? -0.671  -5.571  1.710   1.00 25.84  ? 15   LYS B O   1 
ATOM   365 C  CB  . LYS B 1 16 ? -0.638  -8.063  -0.292  1.00 30.87  ? 15   LYS B CB  1 
ATOM   366 C  CG  . LYS B 1 16 ? -0.628  -9.495  -0.488  1.00 41.52  ? 15   LYS B CG  1 
ATOM   367 C  CD  . LYS B 1 16 ? -0.524  -10.130 0.727   1.00 52.02  ? 15   LYS B CD  1 
ATOM   368 C  CE  . LYS B 1 16 ? 0.608   -11.069 0.757   1.00 49.21  ? 15   LYS B CE  1 
ATOM   369 N  NZ  . LYS B 1 16 ? 0.206   -11.603 1.989   1.00 47.03  ? 15   LYS B NZ  1 
ATOM   370 N  N   . LEU B 1 17 ? -1.727  -5.050  -0.192  1.00 24.51  ? 16   LEU B N   1 
ATOM   371 C  CA  . LEU B 1 17 ? -1.371  -3.697  -0.028  1.00 24.77  ? 16   LEU B CA  1 
ATOM   372 C  C   . LEU B 1 17 ? -2.022  -3.073  1.270   1.00 23.14  ? 16   LEU B C   1 
ATOM   373 O  O   . LEU B 1 17 ? -1.470  -2.252  1.938   1.00 25.15  ? 16   LEU B O   1 
ATOM   374 C  CB  . LEU B 1 17 ? -1.760  -2.943  -1.313  1.00 25.98  ? 16   LEU B CB  1 
ATOM   375 C  CG  . LEU B 1 17 ? -0.891  -3.140  -2.545  1.00 25.03  ? 16   LEU B CG  1 
ATOM   376 C  CD1 . LEU B 1 17 ? -1.651  -2.795  -3.793  1.00 27.45  ? 16   LEU B CD1 1 
ATOM   377 C  CD2 . LEU B 1 17 ? 0.465   -2.473  -2.325  1.00 28.06  ? 16   LEU B CD2 1 
ATOM   378 N  N   . TYR B 1 18 ? -3.333  -3.352  1.433   1.00 27.02  ? 17   TYR B N   1 
ATOM   379 C  CA  . TYR B 1 18 ? -3.983  -2.854  2.618   1.00 26.32  ? 17   TYR B CA  1 
ATOM   380 C  C   . TYR B 1 18 ? -3.259  -3.371  3.848   1.00 24.35  ? 17   TYR B C   1 
ATOM   381 O  O   . TYR B 1 18 ? -3.031  -2.694  4.824   1.00 25.84  ? 17   TYR B O   1 
ATOM   382 C  CB  . TYR B 1 18 ? -5.519  -3.256  2.666   1.00 27.44  ? 17   TYR B CB  1 
ATOM   383 C  CG  . TYR B 1 18 ? -6.362  -2.386  1.783   1.00 26.14  ? 17   TYR B CG  1 
ATOM   384 C  CD1 . TYR B 1 18 ? -6.412  -1.037  1.969   1.00 34.47  ? 17   TYR B CD1 1 
ATOM   385 C  CD2 . TYR B 1 18 ? -7.139  -2.951  0.802   1.00 42.33  ? 17   TYR B CD2 1 
ATOM   386 C  CE1 . TYR B 1 18 ? -7.245  -0.229  1.135   1.00 42.50  ? 17   TYR B CE1 1 
ATOM   387 C  CE2 . TYR B 1 18 ? -7.972  -2.168  0.047   1.00 40.56  ? 17   TYR B CE2 1 
ATOM   388 C  CZ  . TYR B 1 18 ? -7.964  -0.820  0.179   1.00 43.92  ? 17   TYR B CZ  1 
ATOM   389 O  OH  . TYR B 1 18 ? -8.838  -0.074  -0.643  1.00 52.40  ? 17   TYR B OH  1 
ATOM   390 N  N   . HIS B 1 19 ? -2.842  -4.659  3.868   1.00 24.98  ? 18   HIS B N   1 
ATOM   391 C  CA  . HIS B 1 19 ? -2.150  -5.200  4.971   1.00 25.65  ? 18   HIS B CA  1 
ATOM   392 C  C   . HIS B 1 19 ? -0.900  -4.430  5.292   1.00 26.55  ? 18   HIS B C   1 
ATOM   393 O  O   . HIS B 1 19 ? -0.595  -4.142  6.414   1.00 26.93  ? 18   HIS B O   1 
ATOM   394 C  CB  . HIS B 1 19 ? -1.925  -6.717  4.794   1.00 27.57  ? 18   HIS B CB  1 
ATOM   395 C  CG  . HIS B 1 19 ? -1.289  -7.353  5.992   1.00 33.22  ? 18   HIS B CG  1 
ATOM   396 N  ND1 . HIS B 1 19 ? -1.860  -7.333  7.243   1.00 41.27  ? 18   HIS B ND1 1 
ATOM   397 C  CD2 . HIS B 1 19 ? -0.105  -8.026  6.125   1.00 37.90  ? 18   HIS B CD2 1 
ATOM   398 C  CE1 . HIS B 1 19 ? -1.076  -7.995  8.090   1.00 42.19  ? 18   HIS B CE1 1 
ATOM   399 N  NE2 . HIS B 1 19 ? 0.018   -8.351  7.458   1.00 40.42  ? 18   HIS B NE2 1 
ATOM   400 N  N   . ILE B 1 20 ? -0.061  -4.222  4.249   1.00 26.19  ? 19   ILE B N   1 
ATOM   401 C  CA  . ILE B 1 20 ? 1.175   -3.483  4.366   1.00 24.01  ? 19   ILE B CA  1 
ATOM   402 C  C   . ILE B 1 20 ? 0.934   -2.067  4.869   1.00 23.94  ? 19   ILE B C   1 
ATOM   403 O  O   . ILE B 1 20 ? 1.640   -1.549  5.755   1.00 25.58  ? 19   ILE B O   1 
ATOM   404 C  CB  . ILE B 1 20 ? 1.936   -3.502  2.963   1.00 24.65  ? 19   ILE B CB  1 
ATOM   405 C  CG1 . ILE B 1 20 ? 2.436   -4.926  2.624   1.00 27.94  ? 19   ILE B CG1 1 
ATOM   406 C  CG2 . ILE B 1 20 ? 3.073   -2.539  3.118   1.00 24.92  ? 19   ILE B CG2 1 
ATOM   407 C  CD1 . ILE B 1 20 ? 2.744   -5.244  1.261   1.00 24.43  ? 19   ILE B CD1 1 
ATOM   408 N  N   . GLU B 1 21 ? -0.074  -1.342  4.282   1.00 24.39  ? 20   GLU B N   1 
ATOM   409 C  CA  . GLU B 1 21 ? -0.407  -0.030  4.737   1.00 24.69  ? 20   GLU B CA  1 
ATOM   410 C  C   . GLU B 1 21 ? -0.714  -0.061  6.226   1.00 24.97  ? 20   GLU B C   1 
ATOM   411 O  O   . GLU B 1 21 ? -0.361  0.833   6.953   1.00 27.56  ? 20   GLU B O   1 
ATOM   412 C  CB  . GLU B 1 21 ? -1.619  0.513   3.955   1.00 29.05  ? 20   GLU B CB  1 
ATOM   413 C  CG  . GLU B 1 21 ? -1.367  0.896   2.534   1.00 28.52  ? 20   GLU B CG  1 
ATOM   414 C  CD  . GLU B 1 21 ? -2.525  1.658   1.906   1.00 40.44  ? 20   GLU B CD  1 
ATOM   415 O  OE1 . GLU B 1 21 ? -3.623  1.696   2.506   1.00 39.52  ? 20   GLU B OE1 1 
ATOM   416 O  OE2 . GLU B 1 21 ? -2.412  2.119   0.768   1.00 39.92  ? 20   GLU B OE2 1 
ATOM   417 N  N   . ASN B 1 22 ? -1.509  -1.037  6.674   1.00 26.47  ? 21   ASN B N   1 
ATOM   418 C  CA  . ASN B 1 22 ? -1.901  -1.100  8.080   1.00 25.77  ? 21   ASN B CA  1 
ATOM   419 C  C   . ASN B 1 22 ? -0.720  -1.450  9.006   1.00 27.86  ? 21   ASN B C   1 
ATOM   420 O  O   . ASN B 1 22 ? -0.565  -0.889  10.091  1.00 28.93  ? 21   ASN B O   1 
ATOM   421 C  CB  . ASN B 1 22 ? -3.045  -2.080  8.237   1.00 27.16  ? 21   ASN B CB  1 
ATOM   422 C  CG  . ASN B 1 22 ? -4.309  -1.620  7.588   1.00 28.06  ? 21   ASN B CG  1 
ATOM   423 O  OD1 . ASN B 1 22 ? -4.499  -0.433  7.388   1.00 27.38  ? 21   ASN B OD1 1 
ATOM   424 N  ND2 . ASN B 1 22 ? -5.193  -2.575  7.313   1.00 27.85  ? 21   ASN B ND2 1 
ATOM   425 N  N   . GLU B 1 23 ? 0.149   -2.359  8.541   1.00 27.59  ? 22   GLU B N   1 
ATOM   426 C  CA  . GLU B 1 23 ? 1.326   -2.653  9.299   1.00 27.58  ? 22   GLU B CA  1 
ATOM   427 C  C   . GLU B 1 23 ? 2.237   -1.463  9.479   1.00 27.99  ? 22   GLU B C   1 
ATOM   428 O  O   . GLU B 1 23 ? 2.739   -1.238  10.537  1.00 29.17  ? 22   GLU B O   1 
ATOM   429 C  CB  . GLU B 1 23 ? 2.084   -3.792  8.617   1.00 26.80  ? 22   GLU B CB  1 
ATOM   430 C  CG  . GLU B 1 23 ? 1.515   -5.151  8.634   1.00 33.23  ? 22   GLU B CG  1 
ATOM   431 C  CD  . GLU B 1 23 ? 2.414   -6.115  7.817   1.00 39.23  ? 22   GLU B CD  1 
ATOM   432 O  OE1 . GLU B 1 23 ? 3.117   -6.823  8.487   1.00 47.81  ? 22   GLU B OE1 1 
ATOM   433 O  OE2 . GLU B 1 23 ? 2.328   -6.185  6.551   1.00 47.95  ? 22   GLU B OE2 1 
ATOM   434 N  N   . LEU B 1 24 ? 2.415   -0.598  8.468   1.00 27.19  ? 23   LEU B N   1 
ATOM   435 C  CA  . LEU B 1 24 ? 3.218   0.604   8.486   1.00 27.53  ? 23   LEU B CA  1 
ATOM   436 C  C   . LEU B 1 24 ? 2.560   1.678   9.339   1.00 27.58  ? 23   LEU B C   1 
ATOM   437 O  O   . LEU B 1 24 ? 3.247   2.386   10.041  1.00 29.64  ? 23   LEU B O   1 
ATOM   438 C  CB  . LEU B 1 24 ? 3.452   1.087   7.103   1.00 26.71  ? 23   LEU B CB  1 
ATOM   439 C  CG  . LEU B 1 24 ? 4.422   0.255   6.244   1.00 30.81  ? 23   LEU B CG  1 
ATOM   440 C  CD1 . LEU B 1 24 ? 4.323   0.726   4.823   1.00 29.73  ? 23   LEU B CD1 1 
ATOM   441 C  CD2 . LEU B 1 24 ? 5.868   0.403   6.791   1.00 31.36  ? 23   LEU B CD2 1 
ATOM   442 N  N   . ALA B 1 25 ? 1.213   1.653   9.332   1.00 28.45  ? 24   ALA B N   1 
ATOM   443 C  CA  . ALA B 1 25 ? 0.461   2.650   10.172  1.00 30.67  ? 24   ALA B CA  1 
ATOM   444 C  C   . ALA B 1 25 ? 0.646   2.313   11.625  1.00 30.08  ? 24   ALA B C   1 
ATOM   445 O  O   . ALA B 1 25 ? 0.802   3.243   12.413  1.00 33.12  ? 24   ALA B O   1 
ATOM   446 C  CB  . ALA B 1 25 ? -0.964  2.682   9.765   1.00 31.45  ? 24   ALA B CB  1 
ATOM   447 N  N   . ARG B 1 26 ? 0.656   1.030   11.960  1.00 30.45  ? 25   ARG B N   1 
ATOM   448 C  CA  . ARG B 1 26 ? 0.865   0.567   13.344  1.00 31.37  ? 25   ARG B CA  1 
ATOM   449 C  C   . ARG B 1 26 ? 2.285   0.937   13.743  1.00 32.86  ? 25   ARG B C   1 
ATOM   450 O  O   . ARG B 1 26 ? 2.516   1.436   14.865  1.00 35.22  ? 25   ARG B O   1 
ATOM   451 C  CB  . ARG B 1 26 ? 0.578   -0.850  13.458  1.00 33.46  ? 25   ARG B CB  1 
ATOM   452 C  CG  . ARG B 1 26 ? 0.876   -1.443  14.847  1.00 39.65  ? 25   ARG B CG  1 
ATOM   453 C  CD  . ARG B 1 26 ? 0.588   -2.964  14.920  1.00 49.07  ? 25   ARG B CD  1 
ATOM   454 N  NE  . ARG B 1 26 ? 0.932   -3.613  16.216  1.00 59.01  ? 25   ARG B NE  1 
ATOM   455 C  CZ  . ARG B 1 26 ? 1.979   -4.453  16.455  1.00 65.43  ? 25   ARG B CZ  1 
ATOM   456 N  NH1 . ARG B 1 26 ? 2.892   -4.767  15.532  1.00 70.32  ? 25   ARG B NH1 1 
ATOM   457 N  NH2 . ARG B 1 26 ? 2.119   -4.978  17.664  1.00 67.97  ? 25   ARG B NH2 1 
ATOM   458 N  N   . ILE B 1 27 ? 3.288   0.686   12.850  1.00 33.19  ? 26   ILE B N   1 
ATOM   459 C  CA  . ILE B 1 27 ? 4.663   1.102   13.160  1.00 32.72  ? 26   ILE B CA  1 
ATOM   460 C  C   . ILE B 1 27 ? 4.820   2.587   13.373  1.00 34.70  ? 26   ILE B C   1 
ATOM   461 O  O   . ILE B 1 27 ? 5.439   2.987   14.418  1.00 35.71  ? 26   ILE B O   1 
ATOM   462 C  CB  . ILE B 1 27 ? 5.680   0.595   12.046  1.00 32.67  ? 26   ILE B CB  1 
ATOM   463 C  CG1 . ILE B 1 27 ? 5.735   -0.915  12.050  1.00 31.01  ? 26   ILE B CG1 1 
ATOM   464 C  CG2 . ILE B 1 27 ? 6.987   1.226   12.232  1.00 37.18  ? 26   ILE B CG2 1 
ATOM   465 C  CD1 . ILE B 1 27 ? 6.350   -1.517  10.825  1.00 32.20  ? 26   ILE B CD1 1 
ATOM   466 N  N   . LYS B 1 28 ? 4.269   3.439   12.515  1.00 33.44  ? 27   LYS B N   1 
ATOM   467 C  CA  . LYS B 1 28 ? 4.344   4.877   12.698  1.00 37.08  ? 27   LYS B CA  1 
ATOM   468 C  C   . LYS B 1 28 ? 3.701   5.280   14.077  1.00 38.30  ? 27   LYS B C   1 
ATOM   469 O  O   . LYS B 1 28 ? 4.270   6.143   14.790  1.00 39.10  ? 27   LYS B O   1 
ATOM   470 C  CB  . LYS B 1 28 ? 3.650   5.574   11.503  1.00 38.98  ? 27   LYS B CB  1 
ATOM   471 C  CG  . LYS B 1 28 ? 3.423   7.066   11.538  1.00 42.34  ? 27   LYS B CG  1 
ATOM   472 C  CD  . LYS B 1 28 ? 2.498   7.534   10.305  1.00 53.03  ? 27   LYS B CD  1 
ATOM   473 C  CE  . LYS B 1 28 ? 1.163   8.336   10.738  1.00 56.75  ? 27   LYS B CE  1 
ATOM   474 N  NZ  . LYS B 1 28 ? 1.491   9.837   10.771  1.00 64.95  ? 27   LYS B NZ  1 
ATOM   475 N  N   . LYS B 1 29 ? 2.581   4.671   14.401  1.00 40.77  ? 28   LYS B N   1 
ATOM   476 C  CA  . LYS B 1 29 ? 1.802   4.964   15.679  1.00 42.76  ? 28   LYS B CA  1 
ATOM   477 C  C   . LYS B 1 29 ? 2.654   4.613   16.905  1.00 44.74  ? 28   LYS B C   1 
ATOM   478 O  O   . LYS B 1 29 ? 2.815   5.397   17.858  1.00 45.96  ? 28   LYS B O   1 
ATOM   479 C  CB  . LYS B 1 29 ? 0.400   4.250   15.663  1.00 44.51  ? 28   LYS B CB  1 
ATOM   480 C  CG  . LYS B 1 29 ? -0.476  4.257   17.020  1.00 46.14  ? 28   LYS B CG  1 
ATOM   481 C  CD  . LYS B 1 29 ? -1.762  3.224   16.970  1.00 46.78  ? 28   LYS B CD  1 
ATOM   482 C  CE  . LYS B 1 29 ? -1.556  1.730   16.219  1.00 42.98  ? 28   LYS B CE  1 
ATOM   483 N  NZ  . LYS B 1 29 ? -2.660  0.768   15.883  1.00 33.24  ? 28   LYS B NZ  1 
ATOM   484 N  N   . LEU B 1 30 ? 3.232   3.429   16.872  1.00 44.24  ? 29   LEU B N   1 
ATOM   485 C  CA  . LEU B 1 30 ? 4.142   2.966   17.919  1.00 45.89  ? 29   LEU B CA  1 
ATOM   486 C  C   . LEU B 1 30 ? 5.401   3.816   18.010  1.00 44.87  ? 29   LEU B C   1 
ATOM   487 O  O   . LEU B 1 30 ? 5.815   4.161   19.112  1.00 46.73  ? 29   LEU B O   1 
ATOM   488 C  CB  . LEU B 1 30 ? 4.428   1.460   17.710  1.00 45.69  ? 29   LEU B CB  1 
ATOM   489 C  CG  . LEU B 1 30 ? 3.124   0.600   17.917  1.00 50.11  ? 29   LEU B CG  1 
ATOM   490 C  CD1 . LEU B 1 30 ? 3.363   -0.911  17.770  1.00 51.74  ? 29   LEU B CD1 1 
ATOM   491 C  CD2 . LEU B 1 30 ? 2.373   0.876   19.296  1.00 53.46  ? 29   LEU B CD2 1 
ATOM   492 N  N   . LEU B 1 31 ? 6.042   4.180   16.909  1.00 44.46  ? 30   LEU B N   1 
ATOM   493 C  CA  . LEU B 1 31 ? 7.216   5.045   16.965  1.00 45.08  ? 30   LEU B CA  1 
ATOM   494 C  C   . LEU B 1 31 ? 6.856   6.428   17.533  1.00 48.81  ? 30   LEU B C   1 
ATOM   495 O  O   . LEU B 1 31 ? 7.633   6.961   18.305  1.00 48.48  ? 30   LEU B O   1 
ATOM   496 C  CB  . LEU B 1 31 ? 7.869   5.216   15.600  1.00 44.55  ? 30   LEU B CB  1 
ATOM   497 C  CG  . LEU B 1 31 ? 8.567   3.972   15.115  1.00 42.17  ? 30   LEU B CG  1 
ATOM   498 C  CD1 . LEU B 1 31 ? 8.969   4.240   13.684  1.00 41.54  ? 30   LEU B CD1 1 
ATOM   499 C  CD2 . LEU B 1 31 ? 9.762   3.506   15.972  1.00 42.02  ? 30   LEU B CD2 1 
ATOM   500 N  N   . GLY B 1 32 ? 5.730   7.021   17.124  1.00 50.88  ? 31   GLY B N   1 
ATOM   501 C  CA  . GLY B 1 32 ? 5.270   8.319   17.630  1.00 53.25  ? 31   GLY B CA  1 
ATOM   502 C  C   . GLY B 1 32 ? 4.931   8.339   19.127  1.00 55.39  ? 31   GLY B C   1 
ATOM   503 O  O   . GLY B 1 32 ? 4.986   9.370   19.816  1.00 56.14  ? 31   GLY B O   1 
ATOM   504 N  N   . GLU B 1 33 ? 4.539   7.194   19.639  1.00 56.34  ? 32   GLU B N   1 
ATOM   505 C  CA  . GLU B 1 33 ? 4.643   6.944   21.027  1.00 57.43  ? 32   GLU B CA  1 
ATOM   506 C  C   . GLU B 1 33 ? 6.129   6.599   21.158  1.00 58.18  ? 32   GLU B C   1 
ATOM   507 O  O   . GLU B 1 33 ? 6.783   6.912   22.124  1.00 60.04  ? 32   GLU B O   1 
ATOM   508 C  CB  . GLU B 1 33 ? 3.734   5.767   21.338  1.00 57.84  ? 32   GLU B CB  1 
ATOM   509 C  CG  . GLU B 1 33 ? 2.295   5.991   20.923  1.00 57.89  ? 32   GLU B CG  1 
ATOM   510 C  CD  . GLU B 1 33 ? 1.485   4.708   20.947  1.00 57.85  ? 32   GLU B CD  1 
ATOM   511 O  OE1 . GLU B 1 33 ? 1.981   3.660   21.413  1.00 59.79  ? 32   GLU B OE1 1 
ATOM   512 O  OE2 . GLU B 1 33 ? 0.335   4.740   20.498  1.00 61.08  ? 32   GLU B OE2 1 
HETATM 513 CL CL  . CL  C 2 .  ? -1.924  6.290   -12.991 1.00 25.57  ? 1033 CL  A CL  1 
HETATM 514 C  C1  . PIH D 3 .  ? -2.364  -5.178  -12.823 0.50 45.44  ? 1033 PIH B C1  1 
HETATM 515 C  C2  . PIH D 3 .  ? -1.440  -4.467  -13.571 0.50 39.58  ? 1033 PIH B C2  1 
HETATM 516 C  C3  . PIH D 3 .  ? -0.526  -5.097  -14.335 0.50 40.10  ? 1033 PIH B C3  1 
HETATM 517 C  C4  . PIH D 3 .  ? -0.710  -6.283  -14.211 0.50 41.88  ? 1033 PIH B C4  1 
HETATM 518 C  C5  . PIH D 3 .  ? -1.431  -6.883  -13.617 0.50 43.37  ? 1033 PIH B C5  1 
HETATM 519 C  C6  . PIH D 3 .  ? -2.335  -6.548  -12.863 0.50 47.23  ? 1033 PIH B C6  1 
HETATM 520 I  I6  . PIH D 3 .  ? -3.581  -7.765  -11.838 0.50 59.70  ? 1033 PIH B I6  1 
HETATM 521 O  O   . HOH E 4 .  ? -7.567  -6.217  -13.153 1.00 53.97  ? 2001 HOH A O   1 
HETATM 522 O  O   . HOH E 4 .  ? -2.979  2.716   -17.135 1.00 76.07  ? 2002 HOH A O   1 
HETATM 523 O  O   . HOH E 4 .  ? -13.011 3.438   -16.764 1.00 48.17  ? 2003 HOH A O   1 
HETATM 524 O  O   . HOH E 4 .  ? 0.875   9.103   -13.158 1.00 55.11  ? 2004 HOH A O   1 
HETATM 525 O  O   . HOH E 4 .  ? -9.481  -5.908  -6.535  1.00 56.85  ? 2005 HOH A O   1 
HETATM 526 O  O   . HOH E 4 .  ? -1.941  7.561   -2.221  1.00 34.03  ? 2006 HOH A O   1 
HETATM 527 O  O   . HOH E 4 .  ? -5.282  5.059   -3.008  1.00 41.30  ? 2007 HOH A O   1 
HETATM 528 O  O   . HOH E 4 .  ? 2.706   8.535   -11.412 1.00 46.45  ? 2008 HOH A O   1 
HETATM 529 O  O   . HOH E 4 .  ? -4.675  6.584   1.250   1.00 111.27 ? 2009 HOH A O   1 
HETATM 530 O  O   . HOH E 4 .  ? -5.384  6.541   3.759   1.00 55.11  ? 2010 HOH A O   1 
HETATM 531 O  O   . HOH E 4 .  ? 9.412   8.121   -2.625  1.00 53.56  ? 2011 HOH A O   1 
HETATM 532 O  O   . HOH E 4 .  ? 6.852   8.530   -3.959  1.00 43.39  ? 2012 HOH A O   1 
HETATM 533 O  O   . HOH E 4 .  ? 1.281   11.445  -2.278  1.00 37.18  ? 2013 HOH A O   1 
HETATM 534 O  O   . HOH E 4 .  ? -1.173  9.270   1.270   1.00 37.38  ? 2014 HOH A O   1 
HETATM 535 O  O   . HOH E 4 .  ? 5.060   11.516  4.343   1.00 45.97  ? 2015 HOH A O   1 
HETATM 536 O  O   . HOH E 4 .  ? -2.310  4.374   6.570   1.00 33.11  ? 2016 HOH A O   1 
HETATM 537 O  O   . HOH E 4 .  ? 11.676  10.987  5.169   1.00 46.76  ? 2017 HOH A O   1 
HETATM 538 O  O   . HOH E 4 .  ? 7.459   11.507  10.935  1.00 49.98  ? 2018 HOH A O   1 
HETATM 539 O  O   . HOH E 4 .  ? 1.044   7.591   7.900   1.00 52.08  ? 2019 HOH A O   1 
HETATM 540 O  O   . HOH E 4 .  ? 15.744  5.120   1.846   1.00 40.35  ? 2020 HOH A O   1 
HETATM 541 O  O   . HOH E 4 .  ? 7.318   12.968  6.074   1.00 56.25  ? 2021 HOH A O   1 
HETATM 542 O  O   . HOH E 4 .  ? 14.992  12.765  11.280  1.00 67.74  ? 2022 HOH A O   1 
HETATM 543 O  O   . HOH E 4 .  ? 9.059   13.044  2.465   1.00 67.09  ? 2023 HOH A O   1 
HETATM 544 O  O   . HOH F 4 .  ? -10.173 -6.289  -4.340  1.00 61.71  ? 2001 HOH B O   1 
HETATM 545 O  O   . HOH F 4 .  ? -9.604  -7.361  -8.680  1.00 54.95  ? 2002 HOH B O   1 
HETATM 546 O  O   . HOH F 4 .  ? -12.426 -12.930 -9.975  1.00 71.94  ? 2003 HOH B O   1 
HETATM 547 O  O   . HOH F 4 .  ? -8.647  -7.404  -1.985  1.00 53.47  ? 2004 HOH B O   1 
HETATM 548 O  O   . HOH F 4 .  ? -1.333  -10.098 3.743   1.00 53.43  ? 2005 HOH B O   1 
HETATM 549 O  O   . HOH F 4 .  ? -5.333  2.666   0.816   1.00 48.90  ? 2006 HOH B O   1 
HETATM 550 O  O   . HOH F 4 .  ? -4.161  4.398   -0.099  1.00 47.89  ? 2007 HOH B O   1 
HETATM 551 O  O   . HOH F 4 .  ? -3.675  2.010   6.358   1.00 30.86  ? 2008 HOH B O   1 
HETATM 552 O  O   . HOH F 4 .  ? 3.070   -3.313  12.371  1.00 39.47  ? 2009 HOH B O   1 
HETATM 553 O  O   . HOH F 4 .  ? 4.773   -8.741  7.815   1.00 39.43  ? 2010 HOH B O   1 
HETATM 554 O  O   . HOH F 4 .  ? -0.557  5.693   11.937  1.00 47.78  ? 2011 HOH B O   1 
HETATM 555 O  O   . HOH F 4 .  ? 3.534   -3.965  19.926  1.00 54.10  ? 2012 HOH B O   1 
HETATM 556 O  O   . HOH F 4 .  ? 3.617   -7.874  15.722  1.00 59.82  ? 2013 HOH B O   1 
# 
